data_6XRK
#
_entry.id   6XRK
#
_cell.length_a   72.320
_cell.length_b   84.990
_cell.length_c   121.320
_cell.angle_alpha   90.00
_cell.angle_beta   90.00
_cell.angle_gamma   90.00
#
_symmetry.space_group_name_H-M   'P 2 21 21'
#
loop_
_entity.id
_entity.type
_entity.pdbx_description
1 polymer 'Glycoside hydrolase type 1'
2 non-polymer 'MAGNESIUM ION'
3 non-polymer 2-[BIS-(2-HYDROXY-ETHYL)-AMINO]-2-HYDROXYMETHYL-PROPANE-1,3-DIOL
4 non-polymer 'CHLORIDE ION'
5 non-polymer DI(HYDROXYETHYL)ETHER
6 water water
#
_entity_poly.entity_id   1
_entity_poly.type   'polypeptide(L)'
_entity_poly.pdbx_seq_one_letter_code
;MGSHHHHHHHHENLYFQSSLQKTAIETVNDMGLGWNLGNTFDCFGTWKEIKTPDDQITMWGNVVPTEEMVVTIKKYGFNT
VRFPVTWMNFMDDSGNVNAEWMSRVKEVVDWIIKAGMYCILNVHHDGVSGNWLSQGASVKTKFVTLWTQIANEFKSYDDH
LVLESMNEVEYKTGNDFDFTTLHTLTQAFVDTVRGTGGNNADRLLLISGMNTNLEQTCSSGYKMPTDKADKLAISIHYYL
PPQFTVESDKNPWTWTDDQGVVHEITPMQTWGTESDYKEMVTNYETMKVTFADKGIPVILGEVGVLTEEQKDKDSIREFL
YAQYSFSAAYDGFMSVLWDTSKNTAGDMNFYNRETDKWYDEKIRDNFVNIAAGV
;
_entity_poly.pdbx_strand_id   A,B
#
# COMPACT_ATOMS: atom_id res chain seq x y z
N SER A 18 -49.58 -0.03 -13.16
CA SER A 18 -49.02 -0.63 -11.93
C SER A 18 -47.70 0.04 -11.54
N SER A 19 -47.28 -0.16 -10.30
CA SER A 19 -45.99 0.32 -9.85
C SER A 19 -44.86 -0.34 -10.63
N LEU A 20 -43.86 0.47 -10.98
CA LEU A 20 -42.69 -0.03 -11.70
C LEU A 20 -41.42 0.07 -10.85
N GLN A 21 -41.56 0.28 -9.54
CA GLN A 21 -40.43 0.39 -8.64
C GLN A 21 -40.62 -0.53 -7.44
N LYS A 22 -39.51 -1.05 -6.94
CA LYS A 22 -39.50 -1.79 -5.68
C LYS A 22 -38.72 -0.97 -4.65
N THR A 23 -39.11 -1.13 -3.38
CA THR A 23 -38.31 -0.56 -2.30
C THR A 23 -37.00 -1.33 -2.16
N ALA A 24 -36.09 -0.78 -1.35
CA ALA A 24 -34.81 -1.43 -1.13
C ALA A 24 -34.99 -2.82 -0.53
N ILE A 25 -35.83 -2.94 0.50
CA ILE A 25 -36.10 -4.25 1.11
C ILE A 25 -36.77 -5.21 0.12
N GLU A 26 -37.77 -4.72 -0.63
CA GLU A 26 -38.42 -5.57 -1.62
C GLU A 26 -37.41 -6.07 -2.65
N THR A 27 -36.43 -5.25 -3.01
CA THR A 27 -35.42 -5.67 -3.98
C THR A 27 -34.56 -6.79 -3.41
N VAL A 28 -34.01 -6.63 -2.21
CA VAL A 28 -33.19 -7.70 -1.63
C VAL A 28 -34.01 -8.97 -1.39
N ASN A 29 -35.30 -8.84 -1.04
CA ASN A 29 -36.13 -10.02 -0.92
C ASN A 29 -36.23 -10.76 -2.27
N ASP A 30 -36.36 -10.00 -3.37
CA ASP A 30 -36.45 -10.61 -4.71
C ASP A 30 -35.11 -11.17 -5.17
N MET A 31 -33.99 -10.70 -4.60
CA MET A 31 -32.67 -11.17 -5.03
C MET A 31 -32.41 -12.61 -4.61
N GLY A 32 -33.18 -13.15 -3.67
CA GLY A 32 -33.09 -14.55 -3.36
C GLY A 32 -31.75 -14.95 -2.77
N LEU A 33 -31.25 -16.07 -3.27
CA LEU A 33 -29.95 -16.60 -2.89
C LEU A 33 -28.89 -16.15 -3.89
N GLY A 34 -27.72 -15.75 -3.37
CA GLY A 34 -26.62 -15.30 -4.21
C GLY A 34 -25.40 -16.19 -4.19
N TRP A 35 -24.54 -15.99 -5.20
CA TRP A 35 -23.29 -16.71 -5.41
C TRP A 35 -22.32 -15.76 -6.11
N ASN A 36 -21.04 -15.84 -5.69
CA ASN A 36 -19.97 -15.03 -6.26
C ASN A 36 -19.23 -15.78 -7.35
N LEU A 37 -18.88 -15.05 -8.42
CA LEU A 37 -17.94 -15.55 -9.44
C LEU A 37 -16.51 -15.26 -8.99
N GLY A 38 -16.05 -16.02 -8.01
CA GLY A 38 -14.81 -15.69 -7.32
C GLY A 38 -13.54 -16.08 -8.07
N ASN A 39 -12.47 -15.33 -7.75
CA ASN A 39 -11.11 -15.60 -8.23
C ASN A 39 -11.06 -15.64 -9.76
N THR A 40 -11.71 -14.65 -10.37
CA THR A 40 -11.84 -14.54 -11.83
C THR A 40 -11.51 -13.10 -12.24
N PHE A 41 -12.51 -12.21 -12.41
CA PHE A 41 -12.18 -10.83 -12.77
C PHE A 41 -11.56 -10.05 -11.61
N ASP A 42 -11.57 -10.64 -10.41
CA ASP A 42 -11.06 -10.02 -9.20
C ASP A 42 -9.57 -10.25 -8.98
N CYS A 43 -8.93 -11.16 -9.72
CA CYS A 43 -7.54 -11.48 -9.43
C CYS A 43 -6.62 -10.28 -9.57
N PHE A 44 -5.48 -10.34 -8.85
CA PHE A 44 -4.40 -9.38 -9.01
C PHE A 44 -3.12 -10.00 -8.45
N GLY A 45 -1.99 -9.41 -8.80
CA GLY A 45 -0.71 -9.85 -8.28
C GLY A 45 0.42 -9.23 -9.08
N THR A 46 1.35 -8.57 -8.40
CA THR A 46 2.40 -7.86 -9.13
C THR A 46 3.25 -8.78 -9.97
N TRP A 47 3.40 -10.04 -9.56
CA TRP A 47 4.27 -10.95 -10.30
C TRP A 47 3.84 -11.13 -11.75
N LYS A 48 2.56 -10.92 -12.07
CA LYS A 48 2.04 -11.15 -13.40
C LYS A 48 2.00 -9.79 -14.11
N GLU A 49 2.67 -9.72 -15.25
CA GLU A 49 2.54 -8.56 -16.13
C GLU A 49 1.21 -8.69 -16.85
N ILE A 50 0.24 -7.83 -16.51
CA ILE A 50 -1.11 -7.94 -17.04
C ILE A 50 -1.22 -7.03 -18.25
N LYS A 51 -1.31 -7.64 -19.42
CA LYS A 51 -1.38 -6.91 -20.68
C LYS A 51 -2.75 -6.98 -21.34
N THR A 52 -3.51 -8.03 -21.08
CA THR A 52 -4.82 -8.24 -21.67
C THR A 52 -5.76 -8.64 -20.56
N PRO A 53 -7.08 -8.53 -20.78
CA PRO A 53 -8.03 -9.02 -19.77
C PRO A 53 -7.79 -10.44 -19.32
N ASP A 54 -7.54 -11.36 -20.26
CA ASP A 54 -7.38 -12.77 -19.89
C ASP A 54 -6.17 -12.97 -18.98
N ASP A 55 -5.13 -12.14 -19.12
CA ASP A 55 -3.98 -12.25 -18.22
C ASP A 55 -4.41 -12.14 -16.75
N GLN A 56 -5.31 -11.20 -16.44
CA GLN A 56 -5.81 -11.09 -15.07
C GLN A 56 -6.83 -12.17 -14.77
N ILE A 57 -7.77 -12.41 -15.68
CA ILE A 57 -8.87 -13.32 -15.42
C ILE A 57 -8.37 -14.71 -15.02
N THR A 58 -7.30 -15.19 -15.65
CA THR A 58 -6.84 -16.55 -15.43
C THR A 58 -5.68 -16.66 -14.45
N MET A 59 -5.21 -15.55 -13.86
CA MET A 59 -3.92 -15.63 -13.18
C MET A 59 -3.97 -16.44 -11.89
N TRP A 60 -5.15 -16.61 -11.29
CA TRP A 60 -5.25 -17.41 -10.06
C TRP A 60 -5.67 -18.84 -10.34
N GLY A 61 -5.92 -19.21 -11.59
CA GLY A 61 -6.16 -20.60 -11.94
C GLY A 61 -7.52 -20.90 -12.51
N ASN A 62 -8.46 -19.96 -12.52
CA ASN A 62 -9.73 -20.21 -13.20
C ASN A 62 -9.58 -19.95 -14.69
N VAL A 63 -10.46 -20.57 -15.47
CA VAL A 63 -10.47 -20.37 -16.91
C VAL A 63 -11.28 -19.12 -17.25
N VAL A 64 -11.10 -18.62 -18.47
CA VAL A 64 -11.96 -17.56 -19.00
C VAL A 64 -13.40 -18.05 -18.93
N PRO A 65 -14.31 -17.35 -18.27
CA PRO A 65 -15.68 -17.86 -18.14
C PRO A 65 -16.51 -17.61 -19.38
N THR A 66 -17.40 -18.55 -19.66
CA THR A 66 -18.41 -18.46 -20.70
C THR A 66 -19.77 -18.21 -20.07
N GLU A 67 -20.75 -17.94 -20.92
CA GLU A 67 -22.11 -17.73 -20.44
C GLU A 67 -22.60 -18.89 -19.58
N GLU A 68 -22.42 -20.12 -20.05
CA GLU A 68 -22.91 -21.27 -19.30
C GLU A 68 -22.23 -21.36 -17.94
N MET A 69 -20.94 -21.04 -17.85
CA MET A 69 -20.25 -21.11 -16.58
C MET A 69 -20.75 -20.07 -15.58
N VAL A 70 -21.26 -18.93 -16.07
CA VAL A 70 -21.69 -17.86 -15.18
C VAL A 70 -23.14 -18.03 -14.72
N VAL A 71 -24.02 -18.56 -15.56
CA VAL A 71 -25.45 -18.53 -15.27
C VAL A 71 -26.07 -19.87 -14.98
N THR A 72 -25.37 -21.00 -15.16
CA THR A 72 -25.97 -22.29 -14.88
C THR A 72 -26.35 -22.46 -13.40
N ILE A 73 -25.68 -21.76 -12.49
CA ILE A 73 -25.99 -21.77 -11.05
C ILE A 73 -27.47 -21.54 -10.79
N LYS A 74 -28.15 -20.83 -11.68
CA LYS A 74 -29.54 -20.47 -11.42
C LYS A 74 -30.38 -21.70 -11.11
N LYS A 75 -30.09 -22.83 -11.76
CA LYS A 75 -30.98 -23.97 -11.60
C LYS A 75 -30.87 -24.63 -10.23
N TYR A 76 -29.90 -24.24 -9.41
CA TYR A 76 -29.78 -24.74 -8.04
C TYR A 76 -30.44 -23.82 -7.01
N GLY A 77 -31.24 -22.85 -7.46
CA GLY A 77 -31.98 -22.00 -6.56
C GLY A 77 -31.43 -20.60 -6.35
N PHE A 78 -30.51 -20.16 -7.18
CA PHE A 78 -29.84 -18.89 -7.03
C PHE A 78 -30.46 -17.86 -7.96
N ASN A 79 -30.62 -16.64 -7.48
CA ASN A 79 -31.16 -15.57 -8.30
C ASN A 79 -30.24 -14.35 -8.39
N THR A 80 -29.06 -14.40 -7.79
CA THR A 80 -28.12 -13.28 -7.82
C THR A 80 -26.71 -13.81 -8.04
N VAL A 81 -25.99 -13.21 -8.98
CA VAL A 81 -24.55 -13.43 -9.13
C VAL A 81 -23.83 -12.15 -8.74
N ARG A 82 -22.98 -12.22 -7.71
CA ARG A 82 -22.05 -11.14 -7.42
C ARG A 82 -20.81 -11.36 -8.28
N PHE A 83 -20.41 -10.29 -8.98
CA PHE A 83 -19.36 -10.31 -10.00
C PHE A 83 -18.26 -9.42 -9.48
N PRO A 84 -17.30 -9.96 -8.72
CA PRO A 84 -16.21 -9.14 -8.18
C PRO A 84 -15.20 -8.80 -9.26
N VAL A 85 -14.88 -7.51 -9.38
CA VAL A 85 -14.01 -7.02 -10.45
C VAL A 85 -12.96 -6.11 -9.83
N THR A 86 -11.69 -6.38 -10.11
CA THR A 86 -10.56 -5.54 -9.72
C THR A 86 -10.15 -4.73 -10.94
N TRP A 87 -10.11 -3.40 -10.78
CA TRP A 87 -10.02 -2.49 -11.92
C TRP A 87 -8.64 -1.89 -12.16
N MET A 88 -7.79 -1.85 -11.14
CA MET A 88 -6.59 -1.03 -11.17
C MET A 88 -5.63 -1.35 -12.33
N ASN A 89 -5.53 -2.60 -12.76
CA ASN A 89 -4.59 -2.94 -13.82
C ASN A 89 -5.07 -2.48 -15.20
N PHE A 90 -6.30 -2.00 -15.31
CA PHE A 90 -6.86 -1.51 -16.55
C PHE A 90 -7.23 -0.03 -16.47
N MET A 91 -6.67 0.68 -15.51
CA MET A 91 -6.85 2.12 -15.40
C MET A 91 -5.53 2.78 -15.78
N ASP A 92 -5.60 3.80 -16.62
CA ASP A 92 -4.41 4.56 -17.01
C ASP A 92 -4.06 5.52 -15.87
N ASP A 93 -3.07 6.39 -16.08
CA ASP A 93 -2.54 7.21 -15.00
C ASP A 93 -3.59 8.17 -14.44
N SER A 94 -4.58 8.54 -15.25
CA SER A 94 -5.62 9.45 -14.81
C SER A 94 -6.92 8.74 -14.44
N GLY A 95 -6.93 7.40 -14.42
CA GLY A 95 -8.09 6.66 -13.99
C GLY A 95 -9.03 6.21 -15.10
N ASN A 96 -8.67 6.44 -16.35
CA ASN A 96 -9.51 6.00 -17.45
C ASN A 96 -9.41 4.49 -17.63
N VAL A 97 -10.55 3.84 -17.80
CA VAL A 97 -10.62 2.39 -17.87
C VAL A 97 -10.45 1.95 -19.32
N ASN A 98 -9.55 0.98 -19.53
CA ASN A 98 -9.32 0.42 -20.86
C ASN A 98 -10.63 -0.10 -21.43
N ALA A 99 -10.90 0.25 -22.69
CA ALA A 99 -12.21 -0.03 -23.27
C ALA A 99 -12.45 -1.53 -23.41
N GLU A 100 -11.40 -2.30 -23.75
N GLU A 100 -11.40 -2.30 -23.74
CA GLU A 100 -11.54 -3.74 -23.88
CA GLU A 100 -11.59 -3.74 -23.89
C GLU A 100 -11.89 -4.39 -22.55
C GLU A 100 -11.91 -4.41 -22.54
N TRP A 101 -11.24 -3.98 -21.46
CA TRP A 101 -11.62 -4.47 -20.15
C TRP A 101 -13.07 -4.17 -19.84
N MET A 102 -13.50 -2.92 -20.08
CA MET A 102 -14.90 -2.57 -19.80
C MET A 102 -15.84 -3.43 -20.62
N SER A 103 -15.49 -3.70 -21.88
N SER A 103 -15.49 -3.71 -21.87
CA SER A 103 -16.33 -4.53 -22.72
CA SER A 103 -16.35 -4.53 -22.71
C SER A 103 -16.42 -5.95 -22.18
C SER A 103 -16.41 -5.97 -22.21
N ARG A 104 -15.32 -6.48 -21.64
CA ARG A 104 -15.36 -7.84 -21.12
C ARG A 104 -16.19 -7.92 -19.85
N VAL A 105 -16.11 -6.88 -18.99
CA VAL A 105 -16.97 -6.80 -17.82
C VAL A 105 -18.43 -6.75 -18.25
N LYS A 106 -18.75 -5.89 -19.21
CA LYS A 106 -20.14 -5.75 -19.68
C LYS A 106 -20.67 -7.07 -20.23
N GLU A 107 -19.83 -7.85 -20.91
CA GLU A 107 -20.29 -9.11 -21.48
C GLU A 107 -20.79 -10.05 -20.39
N VAL A 108 -20.08 -10.15 -19.28
CA VAL A 108 -20.50 -11.02 -18.18
C VAL A 108 -21.75 -10.48 -17.52
N VAL A 109 -21.79 -9.18 -17.24
CA VAL A 109 -23.01 -8.57 -16.72
C VAL A 109 -24.20 -8.92 -17.63
N ASP A 110 -24.00 -8.78 -18.95
CA ASP A 110 -25.09 -9.05 -19.89
C ASP A 110 -25.56 -10.49 -19.80
N TRP A 111 -24.64 -11.45 -19.62
CA TRP A 111 -25.03 -12.84 -19.45
C TRP A 111 -25.94 -13.00 -18.22
N ILE A 112 -25.55 -12.40 -17.10
CA ILE A 112 -26.31 -12.53 -15.85
C ILE A 112 -27.70 -11.92 -16.02
N ILE A 113 -27.75 -10.70 -16.57
CA ILE A 113 -29.02 -10.02 -16.78
C ILE A 113 -29.92 -10.80 -17.74
N LYS A 114 -29.35 -11.31 -18.83
CA LYS A 114 -30.13 -12.11 -19.78
C LYS A 114 -30.75 -13.32 -19.11
N ALA A 115 -30.08 -13.90 -18.13
CA ALA A 115 -30.59 -15.06 -17.43
C ALA A 115 -31.67 -14.72 -16.42
N GLY A 116 -32.07 -13.45 -16.33
CA GLY A 116 -33.12 -13.02 -15.42
C GLY A 116 -32.66 -12.84 -14.00
N MET A 117 -31.36 -12.93 -13.75
N MET A 117 -31.37 -12.97 -13.74
CA MET A 117 -30.81 -12.85 -12.42
CA MET A 117 -30.84 -12.86 -12.40
C MET A 117 -30.38 -11.42 -12.12
C MET A 117 -30.39 -11.43 -12.11
N TYR A 118 -30.15 -11.15 -10.84
CA TYR A 118 -29.50 -9.92 -10.43
C TYR A 118 -28.00 -10.07 -10.58
N CYS A 119 -27.33 -8.98 -10.93
CA CYS A 119 -25.88 -8.89 -10.90
C CYS A 119 -25.49 -7.81 -9.91
N ILE A 120 -24.59 -8.15 -8.98
CA ILE A 120 -23.94 -7.16 -8.12
C ILE A 120 -22.54 -6.94 -8.68
N LEU A 121 -22.27 -5.73 -9.16
CA LEU A 121 -20.97 -5.39 -9.75
C LEU A 121 -20.25 -4.45 -8.79
N ASN A 122 -18.99 -4.74 -8.49
CA ASN A 122 -18.27 -3.97 -7.47
C ASN A 122 -16.91 -3.48 -7.97
N VAL A 123 -16.19 -2.86 -7.05
CA VAL A 123 -14.76 -2.55 -7.15
C VAL A 123 -14.12 -3.37 -6.04
N HIS A 124 -13.29 -4.35 -6.40
CA HIS A 124 -12.94 -5.43 -5.48
C HIS A 124 -11.57 -5.23 -4.83
N HIS A 125 -10.49 -5.82 -5.36
CA HIS A 125 -9.19 -5.77 -4.65
C HIS A 125 -8.46 -4.44 -4.80
N ASP A 126 -9.03 -3.48 -5.52
CA ASP A 126 -8.51 -2.12 -5.52
C ASP A 126 -8.34 -1.56 -4.12
N GLY A 127 -9.15 -2.01 -3.16
CA GLY A 127 -9.11 -1.50 -1.80
C GLY A 127 -8.28 -2.25 -0.78
N VAL A 128 -7.59 -3.33 -1.18
CA VAL A 128 -6.71 -4.06 -0.28
C VAL A 128 -5.57 -3.16 0.17
N SER A 129 -5.09 -3.40 1.40
CA SER A 129 -3.92 -2.68 1.89
C SER A 129 -2.80 -2.74 0.86
N GLY A 130 -2.29 -1.58 0.50
CA GLY A 130 -1.24 -1.47 -0.48
C GLY A 130 -1.71 -1.16 -1.88
N ASN A 131 -3.00 -1.35 -2.18
CA ASN A 131 -3.55 -0.92 -3.46
C ASN A 131 -4.23 0.44 -3.31
N TRP A 132 -4.46 1.08 -4.46
CA TRP A 132 -4.71 2.53 -4.47
C TRP A 132 -5.88 2.95 -3.58
N LEU A 133 -6.99 2.20 -3.61
CA LEU A 133 -8.18 2.65 -2.87
C LEU A 133 -8.00 2.56 -1.36
N SER A 134 -7.01 1.80 -0.89
CA SER A 134 -6.72 1.76 0.54
C SER A 134 -6.20 3.09 1.08
N GLN A 135 -5.82 4.02 0.20
CA GLN A 135 -5.26 5.29 0.64
C GLN A 135 -6.30 6.18 1.31
N GLY A 136 -7.59 5.95 1.04
CA GLY A 136 -8.61 6.73 1.72
C GLY A 136 -9.10 7.95 0.97
N ALA A 137 -9.46 9.00 1.68
CA ALA A 137 -10.14 10.13 1.04
C ALA A 137 -9.26 10.88 0.07
N SER A 138 -7.94 10.80 0.21
CA SER A 138 -7.09 11.50 -0.74
C SER A 138 -7.16 10.93 -2.14
N VAL A 139 -7.78 9.77 -2.34
CA VAL A 139 -7.98 9.25 -3.70
C VAL A 139 -9.44 9.35 -4.13
N LYS A 140 -10.23 10.18 -3.46
N LYS A 140 -10.24 10.17 -3.46
CA LYS A 140 -11.64 10.33 -3.85
CA LYS A 140 -11.63 10.33 -3.86
C LYS A 140 -11.79 10.74 -5.30
C LYS A 140 -11.76 10.71 -5.33
N THR A 141 -10.87 11.57 -5.83
CA THR A 141 -10.98 11.99 -7.21
C THR A 141 -10.87 10.81 -8.17
N LYS A 142 -9.92 9.92 -7.93
CA LYS A 142 -9.76 8.73 -8.77
C LYS A 142 -10.96 7.79 -8.61
N PHE A 143 -11.45 7.63 -7.38
CA PHE A 143 -12.65 6.81 -7.13
C PHE A 143 -13.85 7.35 -7.89
N VAL A 144 -14.03 8.67 -7.90
CA VAL A 144 -15.13 9.28 -8.65
C VAL A 144 -14.93 9.10 -10.14
N THR A 145 -13.69 9.27 -10.63
CA THR A 145 -13.42 9.05 -12.04
C THR A 145 -13.80 7.62 -12.45
N LEU A 146 -13.41 6.63 -11.65
CA LEU A 146 -13.74 5.24 -11.96
C LEU A 146 -15.24 5.02 -11.96
N TRP A 147 -15.92 5.44 -10.89
CA TRP A 147 -17.36 5.18 -10.81
C TRP A 147 -18.14 5.96 -11.85
N THR A 148 -17.67 7.15 -12.25
CA THR A 148 -18.34 7.85 -13.34
C THR A 148 -18.38 6.98 -14.60
N GLN A 149 -17.25 6.34 -14.91
CA GLN A 149 -17.18 5.51 -16.11
C GLN A 149 -18.06 4.27 -15.99
N ILE A 150 -18.00 3.58 -14.85
CA ILE A 150 -18.84 2.39 -14.67
C ILE A 150 -20.31 2.78 -14.72
N ALA A 151 -20.67 3.85 -14.00
CA ALA A 151 -22.05 4.29 -13.97
C ALA A 151 -22.56 4.65 -15.36
N ASN A 152 -21.77 5.39 -16.13
CA ASN A 152 -22.22 5.75 -17.47
C ASN A 152 -22.35 4.53 -18.37
N GLU A 153 -21.48 3.53 -18.20
N GLU A 153 -21.47 3.55 -18.21
CA GLU A 153 -21.55 2.35 -19.04
CA GLU A 153 -21.54 2.33 -19.03
C GLU A 153 -22.83 1.57 -18.82
C GLU A 153 -22.87 1.63 -18.84
N PHE A 154 -23.38 1.59 -17.61
CA PHE A 154 -24.52 0.76 -17.24
C PHE A 154 -25.75 1.58 -16.88
N LYS A 155 -25.78 2.87 -17.21
CA LYS A 155 -26.84 3.75 -16.72
C LYS A 155 -28.23 3.30 -17.18
N SER A 156 -28.33 2.68 -18.35
N SER A 156 -28.31 2.67 -18.35
CA SER A 156 -29.63 2.28 -18.88
CA SER A 156 -29.60 2.27 -18.91
C SER A 156 -30.05 0.88 -18.44
C SER A 156 -30.07 0.92 -18.39
N TYR A 157 -29.24 0.18 -17.67
CA TYR A 157 -29.59 -1.15 -17.21
C TYR A 157 -30.68 -1.09 -16.16
N ASP A 158 -31.57 -2.09 -16.17
CA ASP A 158 -32.71 -2.08 -15.26
C ASP A 158 -32.27 -2.47 -13.85
N ASP A 159 -33.24 -2.55 -12.94
CA ASP A 159 -32.87 -2.65 -11.53
C ASP A 159 -32.36 -4.03 -11.13
N HIS A 160 -32.24 -4.98 -12.05
CA HIS A 160 -31.53 -6.20 -11.74
C HIS A 160 -30.02 -6.00 -11.71
N LEU A 161 -29.51 -4.84 -12.10
CA LEU A 161 -28.12 -4.48 -11.87
C LEU A 161 -28.02 -3.66 -10.59
N VAL A 162 -27.25 -4.18 -9.64
CA VAL A 162 -26.94 -3.55 -8.36
C VAL A 162 -25.47 -3.18 -8.40
N LEU A 163 -25.13 -1.97 -7.98
CA LEU A 163 -23.74 -1.53 -7.92
C LEU A 163 -23.30 -1.43 -6.49
N GLU A 164 -22.08 -1.94 -6.21
CA GLU A 164 -21.51 -2.02 -4.87
C GLU A 164 -20.26 -1.16 -4.79
N SER A 165 -20.24 -0.24 -3.83
CA SER A 165 -19.28 0.86 -3.81
C SER A 165 -17.84 0.38 -3.85
N MET A 166 -17.49 -0.62 -3.04
CA MET A 166 -16.17 -1.24 -3.00
C MET A 166 -16.34 -2.59 -2.30
N ASN A 167 -15.23 -3.19 -1.84
CA ASN A 167 -15.30 -4.52 -1.26
C ASN A 167 -15.01 -4.42 0.22
N GLU A 168 -13.78 -4.70 0.68
CA GLU A 168 -13.36 -4.79 2.07
C GLU A 168 -12.27 -3.74 2.27
N VAL A 169 -12.64 -2.59 2.79
CA VAL A 169 -11.69 -1.50 3.03
C VAL A 169 -11.69 -1.22 4.51
N GLU A 170 -10.52 -0.92 5.06
CA GLU A 170 -10.40 -0.60 6.47
C GLU A 170 -9.66 0.73 6.56
N TYR A 171 -10.33 1.74 7.11
CA TYR A 171 -9.72 3.04 7.31
C TYR A 171 -9.68 3.32 8.80
N LYS A 172 -8.53 3.73 9.30
CA LYS A 172 -8.39 4.03 10.71
C LYS A 172 -7.70 5.36 10.88
N THR A 173 -7.97 5.99 12.02
CA THR A 173 -7.21 7.14 12.48
C THR A 173 -6.70 6.73 13.86
N GLY A 174 -5.39 6.54 13.96
CA GLY A 174 -4.87 5.89 15.15
C GLY A 174 -5.51 4.51 15.22
N ASN A 175 -6.00 4.14 16.39
CA ASN A 175 -6.62 2.85 16.58
C ASN A 175 -8.15 2.93 16.57
N ASP A 176 -8.73 4.11 16.32
CA ASP A 176 -10.16 4.23 16.09
C ASP A 176 -10.49 4.01 14.62
N PHE A 177 -11.67 3.43 14.37
CA PHE A 177 -12.10 3.29 12.98
C PHE A 177 -12.53 4.63 12.42
N ASP A 178 -12.11 4.88 11.17
CA ASP A 178 -12.29 6.17 10.53
C ASP A 178 -13.54 6.11 9.66
N PHE A 179 -14.69 6.19 10.32
CA PHE A 179 -15.96 6.18 9.61
C PHE A 179 -16.14 7.40 8.73
N THR A 180 -15.48 8.51 9.06
CA THR A 180 -15.61 9.71 8.23
C THR A 180 -14.99 9.51 6.85
N THR A 181 -13.76 8.98 6.80
CA THR A 181 -13.14 8.71 5.52
C THR A 181 -14.02 7.76 4.70
N LEU A 182 -14.51 6.70 5.33
CA LEU A 182 -15.36 5.74 4.62
C LEU A 182 -16.59 6.44 4.06
N HIS A 183 -17.24 7.27 4.89
CA HIS A 183 -18.44 7.96 4.44
C HIS A 183 -18.13 8.93 3.31
N THR A 184 -17.00 9.61 3.38
CA THR A 184 -16.63 10.49 2.27
C THR A 184 -16.61 9.71 0.96
N LEU A 185 -16.08 8.50 0.99
CA LEU A 185 -15.99 7.70 -0.22
C LEU A 185 -17.35 7.12 -0.62
N THR A 186 -18.10 6.56 0.33
CA THR A 186 -19.37 5.97 -0.05
C THR A 186 -20.35 7.04 -0.50
N GLN A 187 -20.30 8.21 0.11
CA GLN A 187 -21.14 9.33 -0.35
C GLN A 187 -20.73 9.78 -1.75
N ALA A 188 -19.43 9.83 -2.02
CA ALA A 188 -18.98 10.17 -3.37
C ALA A 188 -19.51 9.16 -4.38
N PHE A 189 -19.52 7.88 -4.00
CA PHE A 189 -20.06 6.83 -4.86
C PHE A 189 -21.53 7.07 -5.15
N VAL A 190 -22.35 7.24 -4.10
CA VAL A 190 -23.78 7.52 -4.30
C VAL A 190 -23.96 8.73 -5.20
N ASP A 191 -23.31 9.85 -4.84
CA ASP A 191 -23.50 11.09 -5.58
C ASP A 191 -23.11 10.91 -7.05
N THR A 192 -21.99 10.24 -7.31
CA THR A 192 -21.53 10.06 -8.66
C THR A 192 -22.50 9.20 -9.45
N VAL A 193 -22.92 8.07 -8.89
CA VAL A 193 -23.82 7.17 -9.61
C VAL A 193 -25.17 7.84 -9.83
N ARG A 194 -25.77 8.39 -8.77
CA ARG A 194 -27.06 9.04 -8.92
C ARG A 194 -26.99 10.20 -9.90
N GLY A 195 -25.88 10.94 -9.88
CA GLY A 195 -25.76 12.11 -10.73
C GLY A 195 -25.78 11.82 -12.21
N THR A 196 -25.45 10.59 -12.61
CA THR A 196 -25.47 10.23 -14.03
C THR A 196 -26.88 10.01 -14.57
N GLY A 197 -27.87 9.94 -13.70
CA GLY A 197 -29.25 9.86 -14.16
C GLY A 197 -29.62 8.52 -14.77
N GLY A 198 -30.60 8.56 -15.67
CA GLY A 198 -31.11 7.31 -16.19
C GLY A 198 -31.59 6.41 -15.06
N ASN A 199 -31.47 5.10 -15.27
CA ASN A 199 -31.85 4.17 -14.22
C ASN A 199 -30.88 4.18 -13.04
N ASN A 200 -29.73 4.85 -13.17
CA ASN A 200 -28.87 5.04 -12.00
C ASN A 200 -29.52 5.92 -10.95
N ALA A 201 -30.59 6.63 -11.30
CA ALA A 201 -31.27 7.50 -10.34
C ALA A 201 -31.95 6.70 -9.24
N ASP A 202 -32.33 5.44 -9.50
CA ASP A 202 -33.12 4.69 -8.54
C ASP A 202 -32.69 3.25 -8.30
N ARG A 203 -31.66 2.74 -8.99
CA ARG A 203 -31.28 1.36 -8.75
C ARG A 203 -30.73 1.20 -7.34
N LEU A 204 -30.83 -0.03 -6.83
CA LEU A 204 -30.25 -0.34 -5.53
C LEU A 204 -28.73 -0.20 -5.59
N LEU A 205 -28.18 0.53 -4.62
CA LEU A 205 -26.75 0.67 -4.43
C LEU A 205 -26.36 0.00 -3.13
N LEU A 206 -25.36 -0.87 -3.19
CA LEU A 206 -24.85 -1.59 -2.01
C LEU A 206 -23.65 -0.83 -1.45
N ILE A 207 -23.76 -0.43 -0.19
CA ILE A 207 -22.75 0.40 0.47
C ILE A 207 -21.86 -0.48 1.36
N SER A 208 -20.55 -0.39 1.17
CA SER A 208 -19.65 -1.21 1.96
C SER A 208 -19.70 -0.83 3.43
N GLY A 209 -19.81 -1.84 4.29
CA GLY A 209 -19.57 -1.64 5.71
C GLY A 209 -18.09 -1.36 5.97
N MET A 210 -17.77 -1.04 7.22
CA MET A 210 -16.37 -0.84 7.58
C MET A 210 -15.68 -2.20 7.58
N ASN A 211 -14.81 -2.41 6.58
CA ASN A 211 -14.16 -3.71 6.35
C ASN A 211 -15.16 -4.86 6.26
N THR A 212 -16.38 -4.52 5.83
CA THR A 212 -17.54 -5.43 5.84
C THR A 212 -17.68 -6.17 7.17
N ASN A 213 -17.22 -5.54 8.25
CA ASN A 213 -17.21 -6.16 9.58
C ASN A 213 -18.54 -5.88 10.26
N LEU A 214 -19.19 -6.94 10.76
CA LEU A 214 -20.51 -6.79 11.36
C LEU A 214 -20.49 -5.82 12.53
N GLU A 215 -19.59 -6.08 13.49
CA GLU A 215 -19.54 -5.25 14.70
C GLU A 215 -19.26 -3.79 14.36
N GLN A 216 -18.27 -3.54 13.51
CA GLN A 216 -17.95 -2.14 13.20
C GLN A 216 -19.06 -1.49 12.39
N THR A 217 -19.67 -2.21 11.45
CA THR A 217 -20.69 -1.62 10.59
C THR A 217 -21.98 -1.34 11.36
N CYS A 218 -22.26 -2.14 12.39
CA CYS A 218 -23.44 -1.91 13.20
C CYS A 218 -23.17 -1.04 14.41
N SER A 219 -21.95 -0.51 14.55
CA SER A 219 -21.62 0.31 15.70
C SER A 219 -22.23 1.71 15.54
N SER A 220 -22.26 2.44 16.65
CA SER A 220 -22.81 3.79 16.64
C SER A 220 -21.99 4.74 15.78
N GLY A 221 -20.73 4.43 15.52
CA GLY A 221 -19.89 5.31 14.72
C GLY A 221 -20.08 5.20 13.21
N TYR A 222 -20.65 4.10 12.73
CA TYR A 222 -20.78 3.92 11.29
C TYR A 222 -21.70 5.00 10.72
N LYS A 223 -21.31 5.56 9.58
CA LYS A 223 -22.03 6.67 8.95
C LYS A 223 -22.52 6.28 7.55
N MET A 224 -23.78 5.89 7.47
CA MET A 224 -24.39 5.58 6.18
C MET A 224 -24.44 6.83 5.31
N PRO A 225 -24.19 6.71 4.00
CA PRO A 225 -24.32 7.88 3.12
C PRO A 225 -25.77 8.23 2.87
N THR A 226 -26.00 9.44 2.34
CA THR A 226 -27.34 9.97 2.08
C THR A 226 -27.77 9.65 0.65
N ASP A 227 -29.06 9.30 0.48
CA ASP A 227 -29.61 8.97 -0.84
C ASP A 227 -31.05 9.47 -0.96
N LYS A 228 -31.27 10.44 -1.86
CA LYS A 228 -32.62 10.96 -2.08
C LYS A 228 -33.57 9.87 -2.53
N ALA A 229 -33.05 8.84 -3.18
CA ALA A 229 -33.90 7.77 -3.68
C ALA A 229 -34.27 6.76 -2.60
N ASP A 230 -33.59 6.77 -1.46
CA ASP A 230 -33.81 5.76 -0.42
C ASP A 230 -33.68 4.34 -0.96
N LYS A 231 -32.63 4.12 -1.76
CA LYS A 231 -32.42 2.83 -2.42
C LYS A 231 -31.00 2.35 -2.13
N LEU A 232 -30.69 2.21 -0.84
CA LEU A 232 -29.39 1.75 -0.40
C LEU A 232 -29.51 0.48 0.41
N ALA A 233 -28.52 -0.40 0.25
CA ALA A 233 -28.35 -1.59 1.07
C ALA A 233 -26.99 -1.50 1.75
N ILE A 234 -26.81 -2.29 2.80
CA ILE A 234 -25.52 -2.34 3.51
C ILE A 234 -24.85 -3.69 3.26
N SER A 235 -23.53 -3.64 3.10
CA SER A 235 -22.71 -4.82 2.82
C SER A 235 -21.91 -5.22 4.06
N ILE A 236 -22.15 -6.44 4.53
CA ILE A 236 -21.41 -7.10 5.60
C ILE A 236 -21.03 -8.48 5.09
N HIS A 237 -19.83 -8.94 5.44
CA HIS A 237 -19.36 -10.26 5.06
C HIS A 237 -19.35 -11.16 6.28
N TYR A 238 -19.85 -12.37 6.12
CA TYR A 238 -20.16 -13.22 7.27
C TYR A 238 -19.13 -14.34 7.36
N TYR A 239 -17.97 -14.01 7.91
CA TYR A 239 -16.92 -15.00 8.13
C TYR A 239 -16.73 -15.15 9.63
N LEU A 240 -17.82 -15.50 10.32
CA LEU A 240 -17.91 -15.51 11.77
C LEU A 240 -18.38 -16.88 12.22
N PRO A 241 -17.64 -17.56 13.12
CA PRO A 241 -16.35 -17.15 13.72
C PRO A 241 -15.22 -17.31 12.73
N PRO A 242 -14.26 -16.39 12.77
CA PRO A 242 -13.14 -16.47 11.81
C PRO A 242 -12.31 -17.74 11.94
N GLN A 243 -12.13 -18.25 13.16
N GLN A 243 -12.10 -18.25 13.16
CA GLN A 243 -11.28 -19.42 13.38
CA GLN A 243 -11.23 -19.41 13.33
C GLN A 243 -11.84 -20.65 12.68
C GLN A 243 -11.85 -20.68 12.76
N PHE A 244 -13.15 -20.71 12.48
CA PHE A 244 -13.78 -21.77 11.72
C PHE A 244 -13.84 -21.47 10.23
N THR A 245 -14.26 -20.26 9.87
CA THR A 245 -14.56 -19.98 8.47
C THR A 245 -13.32 -19.74 7.60
N VAL A 246 -12.37 -18.96 8.08
CA VAL A 246 -11.27 -18.47 7.25
C VAL A 246 -9.89 -18.81 7.76
N GLU A 247 -9.73 -19.43 8.94
CA GLU A 247 -8.40 -19.76 9.43
C GLU A 247 -7.96 -21.15 8.94
N SER A 248 -6.81 -21.19 8.27
CA SER A 248 -6.23 -22.45 7.84
C SER A 248 -5.96 -23.36 9.04
N ASP A 249 -6.25 -24.67 8.85
CA ASP A 249 -5.91 -25.70 9.82
C ASP A 249 -4.48 -26.17 9.66
N LYS A 250 -4.00 -26.25 8.41
CA LYS A 250 -2.67 -26.76 8.15
C LYS A 250 -1.59 -25.72 8.44
N ASN A 251 -1.91 -24.45 8.26
CA ASN A 251 -0.99 -23.34 8.52
C ASN A 251 -1.71 -22.33 9.41
N PRO A 252 -1.86 -22.64 10.68
CA PRO A 252 -2.63 -21.76 11.56
C PRO A 252 -2.02 -20.37 11.65
N TRP A 253 -2.87 -19.41 12.01
CA TRP A 253 -2.42 -18.06 12.26
C TRP A 253 -1.54 -18.03 13.50
N THR A 254 -0.58 -17.11 13.53
CA THR A 254 0.31 -17.00 14.67
C THR A 254 0.54 -15.53 15.01
N TRP A 255 1.07 -15.33 16.21
CA TRP A 255 1.66 -14.05 16.61
C TRP A 255 2.95 -14.32 17.35
N THR A 256 3.87 -13.36 17.33
CA THR A 256 5.18 -13.53 17.93
C THR A 256 5.44 -12.34 18.85
N ASP A 257 5.94 -12.61 20.05
CA ASP A 257 6.20 -11.54 20.99
C ASP A 257 7.59 -10.96 20.74
N ASP A 258 8.02 -10.02 21.59
CA ASP A 258 9.28 -9.33 21.37
C ASP A 258 10.50 -10.20 21.63
N GLN A 259 10.34 -11.37 22.23
CA GLN A 259 11.46 -12.24 22.53
C GLN A 259 11.48 -13.46 21.61
N GLY A 260 10.65 -13.47 20.59
CA GLY A 260 10.67 -14.52 19.62
C GLY A 260 9.77 -15.69 19.93
N VAL A 261 8.99 -15.63 21.00
CA VAL A 261 8.07 -16.74 21.31
C VAL A 261 6.88 -16.69 20.36
N VAL A 262 6.62 -17.78 19.65
CA VAL A 262 5.56 -17.87 18.67
C VAL A 262 4.34 -18.55 19.28
N HIS A 263 3.19 -17.92 19.10
CA HIS A 263 1.92 -18.44 19.59
C HIS A 263 0.97 -18.72 18.46
N GLU A 264 0.33 -19.89 18.50
N GLU A 264 0.32 -19.89 18.48
CA GLU A 264 -0.68 -20.25 17.53
CA GLU A 264 -0.66 -20.23 17.47
C GLU A 264 -2.04 -19.77 18.00
C GLU A 264 -2.05 -19.86 17.94
N ILE A 265 -2.81 -19.22 17.06
CA ILE A 265 -4.20 -18.88 17.29
C ILE A 265 -4.97 -20.12 16.84
N THR A 266 -5.74 -20.71 17.74
CA THR A 266 -6.25 -22.05 17.52
C THR A 266 -7.36 -22.09 16.49
N PRO A 267 -7.19 -22.80 15.37
CA PRO A 267 -8.27 -22.91 14.39
C PRO A 267 -9.33 -23.86 14.91
N MET A 268 -10.53 -23.67 14.38
CA MET A 268 -11.70 -24.49 14.71
C MET A 268 -12.07 -25.31 13.51
N GLN A 269 -12.35 -26.60 13.72
CA GLN A 269 -12.77 -27.49 12.65
C GLN A 269 -14.25 -27.84 12.68
N THR A 270 -14.95 -27.55 13.77
CA THR A 270 -16.36 -27.88 13.88
C THR A 270 -17.16 -26.63 14.25
N TRP A 271 -18.46 -26.69 13.95
CA TRP A 271 -19.39 -25.60 14.24
C TRP A 271 -20.76 -26.22 14.46
N GLY A 272 -21.51 -25.69 15.42
CA GLY A 272 -22.90 -26.08 15.59
C GLY A 272 -23.35 -26.30 17.02
N THR A 273 -22.59 -25.83 18.00
CA THR A 273 -23.03 -25.99 19.38
C THR A 273 -24.19 -25.04 19.67
N GLU A 274 -24.81 -25.23 20.83
CA GLU A 274 -25.88 -24.33 21.25
C GLU A 274 -25.42 -22.88 21.24
N SER A 275 -24.24 -22.60 21.79
N SER A 275 -24.25 -22.60 21.80
CA SER A 275 -23.77 -21.22 21.82
CA SER A 275 -23.74 -21.23 21.83
C SER A 275 -23.42 -20.71 20.44
C SER A 275 -23.46 -20.71 20.43
N ASP A 276 -22.97 -21.59 19.54
CA ASP A 276 -22.72 -21.17 18.16
C ASP A 276 -24.00 -20.65 17.51
N TYR A 277 -25.12 -21.34 17.72
CA TYR A 277 -26.38 -20.87 17.14
C TYR A 277 -26.83 -19.58 17.81
N LYS A 278 -26.67 -19.47 19.13
CA LYS A 278 -27.08 -18.23 19.79
C LYS A 278 -26.26 -17.04 19.30
N GLU A 279 -24.96 -17.25 19.07
CA GLU A 279 -24.10 -16.22 18.50
C GLU A 279 -24.60 -15.79 17.12
N MET A 280 -24.96 -16.75 16.27
CA MET A 280 -25.46 -16.40 14.93
C MET A 280 -26.76 -15.62 15.01
N VAL A 281 -27.69 -16.09 15.86
CA VAL A 281 -28.95 -15.37 16.06
C VAL A 281 -28.69 -13.95 16.53
N THR A 282 -27.80 -13.79 17.51
CA THR A 282 -27.49 -12.45 18.02
C THR A 282 -26.95 -11.56 16.91
N ASN A 283 -26.13 -12.11 16.03
CA ASN A 283 -25.59 -11.33 14.92
C ASN A 283 -26.69 -10.86 13.99
N TYR A 284 -27.62 -11.76 13.62
CA TYR A 284 -28.73 -11.35 12.79
C TYR A 284 -29.61 -10.31 13.49
N GLU A 285 -29.86 -10.47 14.79
CA GLU A 285 -30.64 -9.47 15.52
C GLU A 285 -29.96 -8.10 15.49
N THR A 286 -28.65 -8.06 15.71
CA THR A 286 -27.93 -6.80 15.62
C THR A 286 -28.10 -6.16 14.24
N MET A 287 -27.96 -6.95 13.18
CA MET A 287 -28.10 -6.41 11.83
C MET A 287 -29.53 -5.97 11.56
N LYS A 288 -30.50 -6.72 12.09
CA LYS A 288 -31.91 -6.37 11.90
C LYS A 288 -32.24 -5.04 12.56
N VAL A 289 -31.87 -4.89 13.83
CA VAL A 289 -32.22 -3.66 14.55
C VAL A 289 -31.52 -2.46 13.96
N THR A 290 -30.27 -2.63 13.52
CA THR A 290 -29.47 -1.50 13.08
C THR A 290 -29.85 -1.06 11.66
N PHE A 291 -30.19 -2.01 10.79
CA PHE A 291 -30.39 -1.73 9.38
C PHE A 291 -31.78 -2.11 8.87
N ALA A 292 -32.15 -3.40 8.89
CA ALA A 292 -33.37 -3.81 8.21
C ALA A 292 -34.61 -3.12 8.80
N ASP A 293 -34.68 -3.03 10.14
CA ASP A 293 -35.81 -2.38 10.81
C ASP A 293 -35.91 -0.91 10.45
N LYS A 294 -34.83 -0.31 9.95
CA LYS A 294 -34.81 1.07 9.50
C LYS A 294 -35.03 1.19 8.00
N GLY A 295 -35.35 0.10 7.34
CA GLY A 295 -35.62 0.13 5.92
C GLY A 295 -34.39 -0.10 5.04
N ILE A 296 -33.25 -0.43 5.63
CA ILE A 296 -32.01 -0.64 4.89
C ILE A 296 -31.74 -2.14 4.86
N PRO A 297 -31.91 -2.81 3.72
CA PRO A 297 -31.66 -4.25 3.67
C PRO A 297 -30.17 -4.55 3.81
N VAL A 298 -29.88 -5.81 4.17
CA VAL A 298 -28.54 -6.28 4.45
C VAL A 298 -28.18 -7.34 3.42
N ILE A 299 -27.14 -7.06 2.63
CA ILE A 299 -26.62 -8.05 1.69
C ILE A 299 -25.35 -8.60 2.31
N LEU A 300 -25.41 -9.88 2.73
CA LEU A 300 -24.23 -10.57 3.26
C LEU A 300 -23.48 -11.10 2.04
N GLY A 301 -22.68 -10.21 1.45
CA GLY A 301 -22.16 -10.38 0.11
C GLY A 301 -21.11 -11.44 -0.03
N GLU A 302 -20.58 -11.92 1.10
CA GLU A 302 -19.76 -13.12 1.10
C GLU A 302 -20.04 -13.90 2.38
N VAL A 303 -20.12 -15.20 2.23
CA VAL A 303 -20.12 -16.18 3.31
C VAL A 303 -19.48 -17.44 2.76
N GLY A 304 -18.70 -18.13 3.58
CA GLY A 304 -18.04 -19.34 3.09
C GLY A 304 -17.22 -19.94 4.20
N VAL A 305 -16.68 -21.12 3.92
CA VAL A 305 -15.77 -21.82 4.81
C VAL A 305 -14.68 -22.45 3.96
N LEU A 306 -13.45 -22.49 4.46
CA LEU A 306 -12.38 -23.16 3.73
C LEU A 306 -12.73 -24.62 3.49
N THR A 307 -12.51 -25.09 2.24
CA THR A 307 -12.90 -26.43 1.84
C THR A 307 -11.73 -27.38 1.61
N GLU A 308 -10.49 -26.87 1.60
CA GLU A 308 -9.29 -27.67 1.29
C GLU A 308 -8.42 -27.87 2.52
N GLU A 309 -9.02 -27.73 3.70
CA GLU A 309 -8.32 -27.79 4.97
C GLU A 309 -8.83 -29.01 5.73
N GLN A 310 -9.04 -28.88 7.05
CA GLN A 310 -9.51 -29.99 7.86
C GLN A 310 -10.84 -29.65 8.51
N LYS A 311 -11.60 -28.74 7.91
CA LYS A 311 -12.92 -28.40 8.45
C LYS A 311 -13.85 -29.59 8.26
N ASP A 312 -14.57 -29.93 9.33
CA ASP A 312 -15.49 -31.06 9.28
C ASP A 312 -16.56 -30.82 8.24
N LYS A 313 -16.73 -31.79 7.34
CA LYS A 313 -17.61 -31.57 6.19
C LYS A 313 -19.06 -31.40 6.64
N ASP A 314 -19.47 -32.09 7.71
CA ASP A 314 -20.81 -31.91 8.24
C ASP A 314 -20.97 -30.51 8.83
N SER A 315 -19.92 -29.98 9.44
CA SER A 315 -20.00 -28.63 10.00
C SER A 315 -20.06 -27.57 8.91
N ILE A 316 -19.34 -27.75 7.81
CA ILE A 316 -19.47 -26.80 6.70
C ILE A 316 -20.91 -26.76 6.22
N ARG A 317 -21.49 -27.94 6.01
CA ARG A 317 -22.87 -28.04 5.54
C ARG A 317 -23.81 -27.39 6.53
N GLU A 318 -23.65 -27.72 7.82
CA GLU A 318 -24.56 -27.19 8.83
C GLU A 318 -24.43 -25.66 8.94
N PHE A 319 -23.21 -25.15 8.91
CA PHE A 319 -22.99 -23.70 8.98
C PHE A 319 -23.70 -22.99 7.84
N LEU A 320 -23.47 -23.43 6.60
CA LEU A 320 -24.08 -22.76 5.46
C LEU A 320 -25.61 -22.93 5.48
N TYR A 321 -26.09 -24.10 5.90
CA TYR A 321 -27.54 -24.30 6.00
C TYR A 321 -28.15 -23.35 7.02
N ALA A 322 -27.53 -23.23 8.19
CA ALA A 322 -28.07 -22.36 9.23
C ALA A 322 -28.03 -20.90 8.79
N GLN A 323 -26.90 -20.48 8.22
CA GLN A 323 -26.74 -19.08 7.84
C GLN A 323 -27.72 -18.69 6.74
N TYR A 324 -27.81 -19.50 5.69
CA TYR A 324 -28.76 -19.20 4.62
C TYR A 324 -30.19 -19.28 5.12
N SER A 325 -30.46 -20.19 6.06
CA SER A 325 -31.81 -20.27 6.62
C SER A 325 -32.16 -19.00 7.40
N PHE A 326 -31.22 -18.46 8.16
CA PHE A 326 -31.49 -17.18 8.80
C PHE A 326 -31.68 -16.07 7.77
N SER A 327 -30.83 -16.04 6.72
CA SER A 327 -31.04 -15.02 5.70
C SER A 327 -32.40 -15.16 5.02
N ALA A 328 -32.95 -16.38 4.96
CA ALA A 328 -34.29 -16.58 4.41
C ALA A 328 -35.39 -16.21 5.41
N ALA A 329 -35.13 -16.35 6.70
CA ALA A 329 -36.15 -16.06 7.70
C ALA A 329 -36.24 -14.59 8.04
N TYR A 330 -35.15 -13.83 7.86
CA TYR A 330 -35.11 -12.43 8.22
C TYR A 330 -35.46 -11.57 7.00
N ASP A 331 -36.48 -10.73 7.14
CA ASP A 331 -36.89 -9.85 6.06
C ASP A 331 -35.76 -8.89 5.69
N GLY A 332 -35.59 -8.69 4.39
CA GLY A 332 -34.60 -7.75 3.88
C GLY A 332 -33.16 -8.19 3.97
N PHE A 333 -32.92 -9.50 4.13
CA PHE A 333 -31.55 -10.03 4.14
C PHE A 333 -31.35 -10.97 2.95
N MET A 334 -30.08 -11.16 2.58
CA MET A 334 -29.72 -12.24 1.67
C MET A 334 -28.28 -12.64 1.96
N SER A 335 -27.94 -13.86 1.53
CA SER A 335 -26.56 -14.35 1.60
C SER A 335 -26.03 -14.62 0.19
N VAL A 336 -24.74 -14.38 0.02
CA VAL A 336 -24.04 -14.58 -1.26
C VAL A 336 -22.80 -15.42 -1.00
N LEU A 337 -22.75 -16.62 -1.61
CA LEU A 337 -21.70 -17.59 -1.30
C LEU A 337 -20.38 -17.18 -1.95
N TRP A 338 -19.28 -17.22 -1.18
CA TRP A 338 -17.96 -17.04 -1.76
C TRP A 338 -17.48 -18.40 -2.26
N ASP A 339 -17.18 -18.49 -3.57
CA ASP A 339 -16.89 -19.74 -4.24
C ASP A 339 -15.83 -19.47 -5.29
N THR A 340 -14.77 -20.27 -5.28
CA THR A 340 -13.64 -20.12 -6.19
C THR A 340 -13.56 -21.26 -7.22
N SER A 341 -14.59 -22.10 -7.29
CA SER A 341 -14.80 -23.13 -8.30
C SER A 341 -13.98 -24.41 -8.16
N LYS A 342 -12.65 -24.31 -8.07
CA LYS A 342 -11.82 -25.50 -7.99
C LYS A 342 -10.55 -25.21 -7.21
N ASN A 343 -9.95 -26.26 -6.67
CA ASN A 343 -8.88 -26.07 -5.69
C ASN A 343 -7.53 -25.70 -6.31
N THR A 344 -7.40 -25.71 -7.62
CA THR A 344 -6.24 -25.11 -8.27
C THR A 344 -6.44 -23.63 -8.53
N ALA A 345 -7.63 -23.09 -8.20
CA ALA A 345 -7.95 -21.68 -8.38
C ALA A 345 -8.27 -20.93 -7.10
N GLY A 346 -8.61 -21.62 -6.01
CA GLY A 346 -8.91 -20.95 -4.78
C GLY A 346 -9.17 -21.93 -3.65
N ASP A 347 -9.59 -21.36 -2.50
CA ASP A 347 -9.62 -22.09 -1.23
C ASP A 347 -11.03 -22.32 -0.67
N MET A 348 -12.07 -21.94 -1.40
CA MET A 348 -13.47 -22.14 -0.95
C MET A 348 -14.25 -22.60 -2.19
N ASN A 349 -14.34 -23.91 -2.34
CA ASN A 349 -14.82 -24.51 -3.58
C ASN A 349 -16.10 -25.27 -3.32
N PHE A 350 -17.19 -24.80 -3.92
CA PHE A 350 -18.52 -25.36 -3.72
C PHE A 350 -19.14 -25.87 -5.00
N TYR A 351 -19.21 -25.04 -6.04
CA TYR A 351 -19.77 -25.40 -7.33
C TYR A 351 -18.66 -25.26 -8.38
N ASN A 352 -18.32 -26.37 -9.03
CA ASN A 352 -17.36 -26.33 -10.13
C ASN A 352 -18.10 -25.88 -11.38
N ARG A 353 -17.87 -24.62 -11.78
CA ARG A 353 -18.64 -24.01 -12.85
C ARG A 353 -18.29 -24.58 -14.21
N GLU A 354 -17.12 -25.21 -14.32
CA GLU A 354 -16.72 -25.81 -15.57
C GLU A 354 -17.42 -27.15 -15.80
N THR A 355 -17.61 -27.94 -14.72
CA THR A 355 -18.18 -29.27 -14.84
C THR A 355 -19.64 -29.33 -14.44
N ASP A 356 -20.20 -28.25 -13.91
CA ASP A 356 -21.58 -28.21 -13.44
C ASP A 356 -21.81 -29.28 -12.39
N LYS A 357 -20.88 -29.37 -11.44
CA LYS A 357 -20.96 -30.35 -10.36
C LYS A 357 -20.62 -29.69 -9.04
N TRP A 358 -21.39 -29.99 -8.00
CA TRP A 358 -21.08 -29.56 -6.64
C TRP A 358 -20.19 -30.59 -5.95
N TYR A 359 -19.24 -30.11 -5.16
CA TYR A 359 -18.37 -31.04 -4.44
C TYR A 359 -19.14 -31.80 -3.37
N ASP A 360 -20.12 -31.15 -2.77
CA ASP A 360 -20.95 -31.72 -1.71
C ASP A 360 -22.41 -31.66 -2.14
N GLU A 361 -22.97 -32.82 -2.46
CA GLU A 361 -24.33 -32.89 -2.96
C GLU A 361 -25.34 -32.39 -1.94
N LYS A 362 -25.03 -32.52 -0.66
CA LYS A 362 -25.95 -32.06 0.37
C LYS A 362 -25.93 -30.55 0.51
N ILE A 363 -24.79 -29.89 0.32
CA ILE A 363 -24.77 -28.44 0.24
C ILE A 363 -25.68 -27.98 -0.90
N ARG A 364 -25.52 -28.61 -2.07
CA ARG A 364 -26.35 -28.29 -3.23
C ARG A 364 -27.84 -28.45 -2.90
N ASP A 365 -28.20 -29.61 -2.34
CA ASP A 365 -29.60 -29.92 -2.07
C ASP A 365 -30.18 -28.93 -1.08
N ASN A 366 -29.39 -28.52 -0.09
CA ASN A 366 -29.86 -27.56 0.88
C ASN A 366 -30.18 -26.22 0.23
N PHE A 367 -29.36 -25.78 -0.73
CA PHE A 367 -29.67 -24.52 -1.42
C PHE A 367 -30.95 -24.64 -2.22
N VAL A 368 -31.12 -25.76 -2.93
CA VAL A 368 -32.34 -25.97 -3.71
C VAL A 368 -33.55 -25.90 -2.79
N ASN A 369 -33.45 -26.56 -1.64
CA ASN A 369 -34.59 -26.60 -0.74
C ASN A 369 -34.87 -25.24 -0.10
N ILE A 370 -33.83 -24.49 0.30
CA ILE A 370 -34.04 -23.17 0.89
C ILE A 370 -34.68 -22.23 -0.13
N ALA A 371 -34.21 -22.29 -1.38
CA ALA A 371 -34.77 -21.45 -2.43
C ALA A 371 -36.24 -21.76 -2.67
N ALA A 372 -36.61 -23.04 -2.58
CA ALA A 372 -37.98 -23.44 -2.82
C ALA A 372 -38.91 -23.17 -1.64
N GLY A 373 -38.38 -22.86 -0.47
CA GLY A 373 -39.18 -22.68 0.73
C GLY A 373 -39.49 -23.95 1.48
N VAL A 374 -38.69 -24.99 1.31
CA VAL A 374 -38.94 -26.30 1.92
C VAL A 374 -37.74 -26.79 2.72
N SER B 18 32.97 25.33 -12.50
CA SER B 18 34.17 26.12 -12.07
C SER B 18 34.00 26.37 -10.59
N SER B 19 35.05 26.87 -9.94
CA SER B 19 34.94 27.13 -8.51
C SER B 19 33.83 28.14 -8.21
N LEU B 20 33.66 29.15 -9.09
CA LEU B 20 32.65 30.18 -8.82
C LEU B 20 31.24 29.76 -9.22
N GLN B 21 31.09 28.90 -10.23
CA GLN B 21 29.80 28.40 -10.70
C GLN B 21 29.99 26.90 -10.90
N LYS B 22 29.65 26.12 -9.88
N LYS B 22 29.67 26.12 -9.87
CA LYS B 22 30.11 24.75 -9.81
CA LYS B 22 30.14 24.75 -9.79
C LYS B 22 29.33 23.81 -10.72
C LYS B 22 29.33 23.79 -10.66
N THR B 23 30.03 22.84 -11.27
CA THR B 23 29.37 21.71 -11.93
C THR B 23 28.75 20.84 -10.86
N ALA B 24 27.96 19.84 -11.29
CA ALA B 24 27.40 18.91 -10.33
C ALA B 24 28.51 18.22 -9.52
N ILE B 25 29.57 17.79 -10.19
CA ILE B 25 30.67 17.11 -9.50
C ILE B 25 31.35 18.06 -8.50
N GLU B 26 31.64 19.29 -8.92
CA GLU B 26 32.26 20.23 -8.00
C GLU B 26 31.36 20.50 -6.80
N THR B 27 30.04 20.48 -7.00
CA THR B 27 29.13 20.70 -5.89
C THR B 27 29.22 19.55 -4.89
N VAL B 28 29.11 18.30 -5.36
CA VAL B 28 29.20 17.15 -4.46
C VAL B 28 30.57 17.12 -3.78
N ASN B 29 31.63 17.51 -4.49
CA ASN B 29 32.94 17.59 -3.85
C ASN B 29 32.94 18.57 -2.68
N ASP B 30 32.26 19.71 -2.84
CA ASP B 30 32.20 20.72 -1.80
C ASP B 30 31.29 20.32 -0.65
N MET B 31 30.37 19.35 -0.88
CA MET B 31 29.45 18.90 0.16
C MET B 31 30.15 18.06 1.22
N GLY B 32 31.36 17.59 0.95
CA GLY B 32 32.17 16.97 1.99
C GLY B 32 31.55 15.70 2.53
N LEU B 33 31.54 15.58 3.86
CA LEU B 33 30.92 14.46 4.55
C LEU B 33 29.52 14.81 5.03
N GLY B 34 28.60 13.84 4.92
CA GLY B 34 27.22 14.07 5.27
C GLY B 34 26.71 13.21 6.41
N TRP B 35 25.60 13.64 7.00
CA TRP B 35 24.94 12.98 8.13
C TRP B 35 23.45 13.25 8.01
N ASN B 36 22.65 12.22 8.33
CA ASN B 36 21.20 12.29 8.28
C ASN B 36 20.62 12.66 9.66
N LEU B 37 19.59 13.49 9.65
CA LEU B 37 18.76 13.71 10.86
C LEU B 37 17.65 12.66 10.89
N GLY B 38 18.03 11.43 11.24
CA GLY B 38 17.14 10.30 11.07
C GLY B 38 16.08 10.16 12.15
N ASN B 39 14.98 9.48 11.76
CA ASN B 39 13.88 9.11 12.65
C ASN B 39 13.34 10.32 13.41
N THR B 40 13.11 11.40 12.66
CA THR B 40 12.64 12.69 13.17
C THR B 40 11.49 13.18 12.30
N PHE B 41 11.72 14.05 11.31
CA PHE B 41 10.60 14.51 10.49
C PHE B 41 10.13 13.41 9.54
N ASP B 42 10.88 12.31 9.44
CA ASP B 42 10.56 11.18 8.59
C ASP B 42 9.61 10.17 9.22
N CYS B 43 9.30 10.29 10.50
CA CYS B 43 8.48 9.26 11.13
C CYS B 43 7.08 9.19 10.51
N PHE B 44 6.47 8.00 10.60
CA PHE B 44 5.09 7.80 10.19
C PHE B 44 4.58 6.54 10.88
N GLY B 45 3.26 6.40 10.87
CA GLY B 45 2.65 5.16 11.34
C GLY B 45 1.19 5.38 11.60
N THR B 46 0.41 4.32 11.51
CA THR B 46 -1.03 4.41 11.73
C THR B 46 -1.42 4.04 13.14
N TRP B 47 -0.47 3.69 13.99
CA TRP B 47 -0.78 3.08 15.28
C TRP B 47 -1.01 4.09 16.37
N LYS B 48 -0.72 5.36 16.14
CA LYS B 48 -1.20 6.42 17.02
C LYS B 48 -1.58 7.62 16.17
N GLU B 49 -2.39 8.49 16.75
CA GLU B 49 -2.85 9.65 16.02
C GLU B 49 -1.72 10.67 15.93
N ILE B 50 -1.65 11.30 14.76
CA ILE B 50 -0.77 12.41 14.50
C ILE B 50 -1.69 13.58 14.23
N LYS B 51 -1.59 14.61 15.04
CA LYS B 51 -2.28 15.86 14.80
C LYS B 51 -1.29 16.97 14.48
N THR B 52 -0.39 17.25 15.41
CA THR B 52 0.52 18.38 15.28
C THR B 52 1.82 17.94 14.64
N PRO B 53 2.59 18.88 14.10
CA PRO B 53 3.94 18.49 13.64
C PRO B 53 4.72 17.74 14.71
N ASP B 54 4.71 18.20 15.96
CA ASP B 54 5.50 17.53 16.98
C ASP B 54 5.06 16.08 17.19
N ASP B 55 3.76 15.78 17.03
CA ASP B 55 3.31 14.39 17.13
C ASP B 55 4.04 13.48 16.15
N GLN B 56 4.28 13.96 14.91
CA GLN B 56 5.01 13.14 13.94
C GLN B 56 6.50 13.13 14.27
N ILE B 57 7.07 14.32 14.58
CA ILE B 57 8.51 14.46 14.78
C ILE B 57 9.01 13.57 15.90
N THR B 58 8.23 13.42 16.98
CA THR B 58 8.62 12.63 18.15
C THR B 58 8.05 11.23 18.13
N MET B 59 7.38 10.83 17.06
CA MET B 59 6.61 9.59 17.08
C MET B 59 7.49 8.38 17.41
N TRP B 60 8.69 8.34 16.88
CA TRP B 60 9.56 7.17 17.01
C TRP B 60 10.54 7.27 18.16
N GLY B 61 10.50 8.36 18.91
CA GLY B 61 11.28 8.48 20.14
C GLY B 61 12.33 9.58 20.17
N ASN B 62 12.61 10.30 19.09
CA ASN B 62 13.51 11.43 19.22
C ASN B 62 12.73 12.64 19.75
N VAL B 63 13.47 13.61 20.31
CA VAL B 63 12.87 14.84 20.79
C VAL B 63 12.72 15.81 19.63
N VAL B 64 11.90 16.85 19.84
CA VAL B 64 11.82 17.97 18.91
C VAL B 64 13.21 18.56 18.76
N PRO B 65 13.79 18.63 17.57
CA PRO B 65 15.16 19.12 17.46
C PRO B 65 15.24 20.63 17.53
N THR B 66 16.32 21.10 18.13
CA THR B 66 16.68 22.50 18.20
C THR B 66 17.83 22.76 17.23
N GLU B 67 18.18 24.05 17.07
CA GLU B 67 19.29 24.42 16.19
C GLU B 67 20.57 23.68 16.58
N GLU B 68 20.91 23.68 17.86
CA GLU B 68 22.16 23.06 18.30
C GLU B 68 22.15 21.57 18.01
N MET B 69 20.99 20.92 18.14
CA MET B 69 20.93 19.50 17.86
C MET B 69 21.15 19.21 16.38
N VAL B 70 20.78 20.12 15.50
CA VAL B 70 20.84 19.85 14.06
C VAL B 70 22.21 20.17 13.49
N VAL B 71 22.91 21.21 13.98
CA VAL B 71 24.11 21.70 13.30
C VAL B 71 25.40 21.50 14.07
N THR B 72 25.37 21.02 15.32
CA THR B 72 26.63 20.84 16.05
C THR B 72 27.53 19.80 15.39
N ILE B 73 26.94 18.85 14.66
CA ILE B 73 27.67 17.83 13.89
C ILE B 73 28.79 18.43 13.07
N LYS B 74 28.64 19.69 12.65
CA LYS B 74 29.62 20.31 11.78
C LYS B 74 31.03 20.24 12.35
N LYS B 75 31.16 20.39 13.67
CA LYS B 75 32.50 20.47 14.24
C LYS B 75 33.27 19.16 14.17
N TYR B 76 32.60 18.06 13.81
CA TYR B 76 33.26 16.78 13.63
C TYR B 76 33.63 16.48 12.17
N GLY B 77 33.60 17.49 11.31
CA GLY B 77 34.06 17.34 9.94
C GLY B 77 32.96 17.16 8.91
N PHE B 78 31.72 17.47 9.25
CA PHE B 78 30.59 17.29 8.35
C PHE B 78 30.21 18.62 7.73
N ASN B 79 29.84 18.59 6.44
CA ASN B 79 29.40 19.79 5.75
C ASN B 79 28.03 19.65 5.11
N THR B 80 27.38 18.50 5.26
CA THR B 80 26.03 18.29 4.73
C THR B 80 25.15 17.61 5.76
N VAL B 81 23.93 18.12 5.92
CA VAL B 81 22.88 17.45 6.70
C VAL B 81 21.80 17.04 5.71
N ARG B 82 21.57 15.73 5.60
CA ARG B 82 20.39 15.23 4.89
C ARG B 82 19.23 15.24 5.87
N PHE B 83 18.13 15.83 5.44
CA PHE B 83 16.96 16.11 6.27
C PHE B 83 15.80 15.31 5.71
N PRO B 84 15.60 14.07 6.15
CA PRO B 84 14.51 13.25 5.62
C PRO B 84 13.17 13.70 6.20
N VAL B 85 12.20 13.93 5.31
CA VAL B 85 10.89 14.46 5.68
C VAL B 85 9.82 13.60 5.02
N THR B 86 8.86 13.13 5.80
CA THR B 86 7.69 12.39 5.30
C THR B 86 6.53 13.37 5.30
N TRP B 87 5.85 13.50 4.14
CA TRP B 87 4.93 14.61 3.92
C TRP B 87 3.47 14.20 3.99
N MET B 88 3.15 12.92 3.81
CA MET B 88 1.79 12.49 3.53
C MET B 88 0.78 12.90 4.60
N ASN B 89 1.17 12.90 5.88
CA ASN B 89 0.19 13.16 6.92
C ASN B 89 -0.25 14.61 6.94
N PHE B 90 0.51 15.49 6.29
CA PHE B 90 0.23 16.92 6.25
C PHE B 90 -0.08 17.41 4.84
N MET B 91 -0.55 16.50 3.99
CA MET B 91 -1.09 16.83 2.67
C MET B 91 -2.59 16.65 2.73
N ASP B 92 -3.34 17.67 2.32
CA ASP B 92 -4.80 17.52 2.25
C ASP B 92 -5.16 16.61 1.08
N ASP B 93 -6.47 16.39 0.88
CA ASP B 93 -6.92 15.43 -0.13
C ASP B 93 -6.49 15.82 -1.54
N SER B 94 -6.14 17.08 -1.77
CA SER B 94 -5.71 17.54 -3.08
C SER B 94 -4.20 17.73 -3.15
N GLY B 95 -3.47 17.37 -2.10
CA GLY B 95 -2.04 17.44 -2.10
C GLY B 95 -1.43 18.72 -1.53
N ASN B 96 -2.25 19.63 -1.04
CA ASN B 96 -1.72 20.86 -0.47
C ASN B 96 -1.07 20.59 0.88
N VAL B 97 0.14 21.11 1.06
CA VAL B 97 0.91 20.89 2.29
C VAL B 97 0.51 21.90 3.36
N ASN B 98 0.22 21.39 4.55
N ASN B 98 0.23 21.38 4.56
CA ASN B 98 -0.09 22.23 5.68
CA ASN B 98 -0.08 22.22 5.70
C ASN B 98 1.01 23.25 5.90
C ASN B 98 1.01 23.26 5.89
N ALA B 99 0.60 24.52 6.02
CA ALA B 99 1.58 25.61 6.12
C ALA B 99 2.41 25.53 7.39
N GLU B 100 1.82 25.08 8.49
CA GLU B 100 2.60 24.96 9.71
C GLU B 100 3.68 23.89 9.58
N TRP B 101 3.33 22.74 8.98
CA TRP B 101 4.35 21.73 8.73
C TRP B 101 5.47 22.29 7.85
N MET B 102 5.10 22.95 6.75
CA MET B 102 6.10 23.52 5.86
C MET B 102 7.01 24.49 6.61
N SER B 103 6.44 25.29 7.52
CA SER B 103 7.22 26.25 8.29
C SER B 103 8.19 25.55 9.22
N ARG B 104 7.79 24.40 9.79
CA ARG B 104 8.68 23.65 10.68
C ARG B 104 9.82 23.02 9.90
N VAL B 105 9.55 22.56 8.68
CA VAL B 105 10.60 22.06 7.78
C VAL B 105 11.55 23.19 7.42
N LYS B 106 11.00 24.34 7.02
CA LYS B 106 11.83 25.49 6.68
C LYS B 106 12.71 25.91 7.85
N GLU B 107 12.19 25.85 9.07
CA GLU B 107 12.98 26.25 10.22
C GLU B 107 14.26 25.43 10.32
N VAL B 108 14.17 24.11 10.13
CA VAL B 108 15.35 23.24 10.22
C VAL B 108 16.28 23.49 9.04
N VAL B 109 15.73 23.60 7.82
CA VAL B 109 16.56 23.94 6.67
C VAL B 109 17.35 25.22 6.96
N ASP B 110 16.67 26.21 7.50
CA ASP B 110 17.32 27.49 7.77
C ASP B 110 18.48 27.34 8.75
N TRP B 111 18.31 26.51 9.78
CA TRP B 111 19.42 26.30 10.72
C TRP B 111 20.62 25.71 10.00
N ILE B 112 20.39 24.72 9.15
CA ILE B 112 21.49 24.10 8.40
C ILE B 112 22.18 25.12 7.51
N ILE B 113 21.40 25.88 6.75
CA ILE B 113 21.97 26.86 5.81
C ILE B 113 22.73 27.95 6.57
N LYS B 114 22.20 28.39 7.71
CA LYS B 114 22.85 29.42 8.52
C LYS B 114 24.20 28.96 9.02
N ALA B 115 24.35 27.67 9.29
CA ALA B 115 25.60 27.07 9.74
C ALA B 115 26.59 26.89 8.61
N GLY B 116 26.25 27.34 7.40
CA GLY B 116 27.14 27.25 6.27
C GLY B 116 27.21 25.89 5.62
N MET B 117 26.34 24.98 6.00
N MET B 117 26.36 24.97 6.03
CA MET B 117 26.35 23.63 5.49
CA MET B 117 26.37 23.62 5.51
C MET B 117 25.36 23.49 4.34
C MET B 117 25.37 23.48 4.36
N TYR B 118 25.45 22.36 3.67
CA TYR B 118 24.46 21.95 2.70
C TYR B 118 23.34 21.21 3.39
N CYS B 119 22.12 21.40 2.88
CA CYS B 119 20.96 20.63 3.30
C CYS B 119 20.44 19.86 2.12
N ILE B 120 20.24 18.54 2.27
CA ILE B 120 19.52 17.73 1.29
C ILE B 120 18.12 17.50 1.86
N LEU B 121 17.11 18.01 1.18
CA LEU B 121 15.73 17.88 1.60
C LEU B 121 15.01 16.96 0.63
N ASN B 122 14.31 15.94 1.17
CA ASN B 122 13.68 14.93 0.33
C ASN B 122 12.20 14.71 0.63
N VAL B 123 11.65 13.69 -0.02
CA VAL B 123 10.32 13.13 0.23
C VAL B 123 10.62 11.68 0.65
N HIS B 124 10.40 11.36 1.91
CA HIS B 124 11.02 10.18 2.50
C HIS B 124 10.07 8.98 2.54
N HIS B 125 9.35 8.70 3.62
CA HIS B 125 8.60 7.46 3.70
C HIS B 125 7.29 7.49 2.92
N ASP B 126 6.97 8.61 2.27
CA ASP B 126 5.86 8.63 1.33
C ASP B 126 5.93 7.51 0.30
N GLY B 127 7.13 7.02 -0.03
CA GLY B 127 7.28 6.01 -1.07
C GLY B 127 7.41 4.57 -0.63
N VAL B 128 7.32 4.31 0.69
N VAL B 128 7.33 4.26 0.67
CA VAL B 128 7.31 2.96 1.23
CA VAL B 128 7.44 2.86 1.06
C VAL B 128 6.15 2.18 0.66
C VAL B 128 6.20 2.10 0.59
N SER B 129 6.36 0.88 0.46
N SER B 129 6.36 0.78 0.42
CA SER B 129 5.28 0.00 0.04
CA SER B 129 5.25 -0.08 0.04
C SER B 129 4.07 0.20 0.94
C SER B 129 4.06 0.20 0.95
N GLY B 130 2.92 0.46 0.33
CA GLY B 130 1.71 0.74 1.05
C GLY B 130 1.40 2.21 1.24
N ASN B 131 2.39 3.09 1.05
CA ASN B 131 2.16 4.53 1.11
C ASN B 131 2.02 5.08 -0.33
N TRP B 132 1.47 6.30 -0.42
CA TRP B 132 0.91 6.75 -1.70
C TRP B 132 1.90 6.76 -2.86
N LEU B 133 3.14 7.23 -2.63
CA LEU B 133 4.09 7.34 -3.74
C LEU B 133 4.55 5.97 -4.26
N SER B 134 4.31 4.90 -3.51
CA SER B 134 4.62 3.56 -4.01
C SER B 134 3.72 3.14 -5.15
N GLN B 135 2.63 3.87 -5.41
CA GLN B 135 1.70 3.48 -6.45
C GLN B 135 2.27 3.68 -7.85
N GLY B 136 3.26 4.57 -8.02
CA GLY B 136 3.88 4.75 -9.31
C GLY B 136 3.36 5.92 -10.11
N ALA B 137 3.36 5.77 -11.44
CA ALA B 137 3.09 6.91 -12.32
C ALA B 137 1.67 7.43 -12.18
N SER B 138 0.74 6.64 -11.64
CA SER B 138 -0.63 7.11 -11.51
C SER B 138 -0.78 8.16 -10.43
N VAL B 139 0.23 8.40 -9.61
CA VAL B 139 0.20 9.49 -8.64
C VAL B 139 1.12 10.64 -9.04
N LYS B 140 1.52 10.69 -10.32
CA LYS B 140 2.35 11.79 -10.81
C LYS B 140 1.74 13.15 -10.50
N THR B 141 0.42 13.30 -10.64
CA THR B 141 -0.21 14.59 -10.38
C THR B 141 0.01 15.05 -8.94
N LYS B 142 -0.20 14.15 -7.98
CA LYS B 142 0.05 14.48 -6.57
C LYS B 142 1.52 14.77 -6.32
N PHE B 143 2.40 13.98 -6.91
CA PHE B 143 3.84 14.20 -6.77
C PHE B 143 4.25 15.57 -7.29
N VAL B 144 3.72 15.96 -8.45
CA VAL B 144 3.99 17.28 -9.00
C VAL B 144 3.42 18.38 -8.11
N THR B 145 2.21 18.19 -7.58
CA THR B 145 1.65 19.19 -6.67
C THR B 145 2.55 19.38 -5.45
N LEU B 146 3.01 18.28 -4.86
CA LEU B 146 3.92 18.36 -3.70
C LEU B 146 5.20 19.11 -4.05
N TRP B 147 5.86 18.72 -5.14
CA TRP B 147 7.14 19.35 -5.50
C TRP B 147 6.99 20.79 -5.95
N THR B 148 5.84 21.17 -6.56
CA THR B 148 5.64 22.58 -6.86
C THR B 148 5.67 23.42 -5.59
N GLN B 149 5.00 22.93 -4.55
CA GLN B 149 4.93 23.68 -3.30
C GLN B 149 6.28 23.73 -2.60
N ILE B 150 6.97 22.59 -2.52
CA ILE B 150 8.31 22.61 -1.93
C ILE B 150 9.24 23.54 -2.71
N ALA B 151 9.25 23.40 -4.04
CA ALA B 151 10.12 24.24 -4.86
C ALA B 151 9.82 25.72 -4.66
N ASN B 152 8.55 26.09 -4.65
CA ASN B 152 8.21 27.50 -4.50
C ASN B 152 8.62 28.03 -3.12
N GLU B 153 8.51 27.20 -2.09
CA GLU B 153 8.89 27.63 -0.75
C GLU B 153 10.37 27.97 -0.67
N PHE B 154 11.20 27.22 -1.39
CA PHE B 154 12.65 27.32 -1.27
C PHE B 154 13.32 27.92 -2.49
N LYS B 155 12.54 28.55 -3.37
CA LYS B 155 13.09 29.05 -4.63
C LYS B 155 14.26 30.01 -4.44
N SER B 156 14.23 30.82 -3.37
CA SER B 156 15.24 31.85 -3.15
C SER B 156 16.56 31.31 -2.59
N TYR B 157 16.59 30.05 -2.16
CA TYR B 157 17.73 29.48 -1.46
C TYR B 157 18.85 29.20 -2.46
N ASP B 158 20.10 29.37 -2.01
CA ASP B 158 21.26 29.17 -2.87
C ASP B 158 21.55 27.68 -3.03
N ASP B 159 22.68 27.39 -3.71
CA ASP B 159 22.99 26.00 -4.02
C ASP B 159 23.32 25.17 -2.79
N HIS B 160 23.38 25.76 -1.60
CA HIS B 160 23.53 24.92 -0.41
C HIS B 160 22.27 24.15 -0.07
N LEU B 161 21.15 24.42 -0.75
CA LEU B 161 19.97 23.58 -0.66
C LEU B 161 19.90 22.67 -1.88
N VAL B 162 19.92 21.38 -1.63
CA VAL B 162 19.81 20.32 -2.63
C VAL B 162 18.47 19.66 -2.40
N LEU B 163 17.70 19.45 -3.47
CA LEU B 163 16.41 18.77 -3.37
C LEU B 163 16.53 17.39 -3.95
N GLU B 164 15.97 16.40 -3.24
CA GLU B 164 16.06 14.97 -3.58
C GLU B 164 14.67 14.45 -3.88
N SER B 165 14.53 13.85 -5.07
CA SER B 165 13.23 13.54 -5.66
C SER B 165 12.35 12.71 -4.74
N MET B 166 12.88 11.63 -4.18
CA MET B 166 12.18 10.78 -3.21
C MET B 166 13.25 9.99 -2.48
N ASN B 167 12.88 8.91 -1.83
CA ASN B 167 13.86 8.18 -1.03
C ASN B 167 14.10 6.82 -1.69
N GLU B 168 13.47 5.75 -1.21
CA GLU B 168 13.67 4.36 -1.67
C GLU B 168 12.34 3.87 -2.22
N VAL B 169 12.18 3.92 -3.53
CA VAL B 169 10.98 3.46 -4.20
C VAL B 169 11.33 2.33 -5.14
N GLU B 170 10.47 1.33 -5.18
CA GLU B 170 10.66 0.16 -6.03
C GLU B 170 9.42 -0.02 -6.88
N TYR B 171 9.57 0.08 -8.19
CA TYR B 171 8.46 -0.10 -9.14
C TYR B 171 8.83 -1.29 -10.02
N LYS B 172 7.91 -2.21 -10.18
CA LYS B 172 8.18 -3.42 -10.93
C LYS B 172 7.06 -3.66 -11.94
N THR B 173 7.42 -4.39 -13.00
N THR B 173 7.44 -4.30 -13.05
CA THR B 173 6.49 -4.85 -14.02
CA THR B 173 6.51 -4.87 -14.02
C THR B 173 6.74 -6.35 -14.13
C THR B 173 6.80 -6.36 -14.01
N GLY B 174 5.84 -7.15 -13.54
CA GLY B 174 6.13 -8.55 -13.37
C GLY B 174 7.28 -8.67 -12.38
N ASN B 175 8.28 -9.47 -12.73
CA ASN B 175 9.47 -9.57 -11.88
C ASN B 175 10.59 -8.65 -12.34
N ASP B 176 10.37 -7.82 -13.35
CA ASP B 176 11.40 -6.90 -13.81
C ASP B 176 11.22 -5.53 -13.17
N PHE B 177 12.29 -4.76 -13.18
CA PHE B 177 12.23 -3.41 -12.65
C PHE B 177 11.66 -2.43 -13.67
N ASP B 178 10.75 -1.58 -13.19
CA ASP B 178 10.03 -0.65 -14.06
C ASP B 178 10.74 0.71 -14.03
N PHE B 179 11.83 0.78 -14.79
CA PHE B 179 12.60 2.01 -14.92
C PHE B 179 11.83 3.10 -15.64
N THR B 180 10.85 2.74 -16.47
CA THR B 180 10.04 3.74 -17.14
C THR B 180 9.16 4.49 -16.15
N THR B 181 8.46 3.76 -15.26
CA THR B 181 7.69 4.44 -14.22
C THR B 181 8.56 5.34 -13.37
N LEU B 182 9.73 4.87 -12.94
CA LEU B 182 10.60 5.71 -12.13
C LEU B 182 10.96 6.98 -12.88
N HIS B 183 11.36 6.85 -14.15
CA HIS B 183 11.74 7.99 -14.98
C HIS B 183 10.59 8.97 -15.17
N THR B 184 9.37 8.49 -15.36
CA THR B 184 8.24 9.43 -15.41
C THR B 184 8.21 10.31 -14.18
N LEU B 185 8.41 9.72 -13.00
CA LEU B 185 8.37 10.52 -11.78
C LEU B 185 9.61 11.40 -11.62
N THR B 186 10.81 10.87 -11.88
CA THR B 186 12.00 11.69 -11.65
C THR B 186 12.09 12.81 -12.68
N GLN B 187 11.70 12.56 -13.93
CA GLN B 187 11.66 13.63 -14.91
C GLN B 187 10.62 14.68 -14.52
N ALA B 188 9.46 14.23 -14.01
CA ALA B 188 8.47 15.18 -13.53
C ALA B 188 9.01 16.06 -12.41
N PHE B 189 9.77 15.46 -11.48
CA PHE B 189 10.42 16.23 -10.43
C PHE B 189 11.34 17.28 -11.01
N VAL B 190 12.26 16.88 -11.90
CA VAL B 190 13.17 17.85 -12.51
C VAL B 190 12.39 18.98 -13.18
N ASP B 191 11.43 18.62 -14.04
CA ASP B 191 10.71 19.62 -14.81
C ASP B 191 9.94 20.56 -13.90
N THR B 192 9.31 20.03 -12.85
CA THR B 192 8.53 20.84 -11.92
C THR B 192 9.44 21.82 -11.17
N VAL B 193 10.52 21.33 -10.58
CA VAL B 193 11.42 22.22 -9.85
C VAL B 193 12.02 23.28 -10.78
N ARG B 194 12.58 22.84 -11.91
CA ARG B 194 13.24 23.77 -12.82
C ARG B 194 12.25 24.83 -13.30
N GLY B 195 11.00 24.44 -13.54
CA GLY B 195 10.01 25.34 -14.09
C GLY B 195 9.60 26.46 -13.16
N THR B 196 9.86 26.32 -11.86
CA THR B 196 9.53 27.39 -10.93
C THR B 196 10.54 28.54 -10.97
N GLY B 197 11.68 28.34 -11.63
CA GLY B 197 12.61 29.44 -11.89
C GLY B 197 13.41 29.87 -10.68
N GLY B 198 13.93 31.09 -10.74
CA GLY B 198 14.82 31.51 -9.68
C GLY B 198 16.02 30.58 -9.56
N ASN B 199 16.49 30.41 -8.33
CA ASN B 199 17.60 29.49 -8.09
C ASN B 199 17.23 28.05 -8.34
N ASN B 200 15.94 27.73 -8.43
CA ASN B 200 15.55 26.37 -8.80
C ASN B 200 15.88 26.05 -10.24
N ALA B 201 16.19 27.05 -11.06
CA ALA B 201 16.57 26.78 -12.43
C ALA B 201 17.90 26.05 -12.54
N ASP B 202 18.76 26.13 -11.50
CA ASP B 202 20.03 25.44 -11.62
C ASP B 202 20.59 24.84 -10.33
N ARG B 203 19.86 24.82 -9.22
CA ARG B 203 20.41 24.15 -8.05
C ARG B 203 20.62 22.65 -8.33
N LEU B 204 21.52 22.03 -7.57
CA LEU B 204 21.69 20.59 -7.64
C LEU B 204 20.43 19.86 -7.21
N LEU B 205 20.01 18.91 -8.03
CA LEU B 205 18.89 18.03 -7.72
C LEU B 205 19.43 16.60 -7.65
N LEU B 206 19.02 15.88 -6.62
CA LEU B 206 19.43 14.51 -6.39
C LEU B 206 18.31 13.57 -6.83
N ILE B 207 18.63 12.73 -7.79
CA ILE B 207 17.68 11.83 -8.43
C ILE B 207 17.73 10.45 -7.78
N SER B 208 16.59 9.93 -7.35
CA SER B 208 16.58 8.61 -6.74
C SER B 208 16.95 7.53 -7.74
N GLY B 209 17.88 6.65 -7.35
CA GLY B 209 18.06 5.41 -8.06
C GLY B 209 16.86 4.49 -7.89
N MET B 210 16.89 3.36 -8.58
CA MET B 210 15.83 2.36 -8.45
C MET B 210 16.01 1.68 -7.10
N ASN B 211 15.13 2.00 -6.16
CA ASN B 211 15.20 1.52 -4.78
C ASN B 211 16.54 1.87 -4.13
N THR B 212 17.18 2.93 -4.63
CA THR B 212 18.55 3.32 -4.26
C THR B 212 19.53 2.15 -4.33
N ASN B 213 19.22 1.16 -5.15
CA ASN B 213 20.00 -0.06 -5.23
C ASN B 213 21.13 0.15 -6.23
N LEU B 214 22.35 -0.19 -5.79
CA LEU B 214 23.51 0.05 -6.65
C LEU B 214 23.40 -0.71 -7.96
N GLU B 215 23.18 -2.02 -7.88
CA GLU B 215 23.14 -2.84 -9.09
C GLU B 215 22.05 -2.36 -10.05
N GLN B 216 20.83 -2.13 -9.55
CA GLN B 216 19.77 -1.75 -10.46
C GLN B 216 19.98 -0.35 -11.00
N THR B 217 20.49 0.58 -10.18
CA THR B 217 20.66 1.94 -10.63
C THR B 217 21.79 2.06 -11.65
N CYS B 218 22.80 1.20 -11.56
CA CYS B 218 23.89 1.21 -12.54
C CYS B 218 23.65 0.32 -13.73
N SER B 219 22.49 -0.32 -13.81
CA SER B 219 22.20 -1.24 -14.88
C SER B 219 21.90 -0.48 -16.16
N SER B 220 21.91 -1.20 -17.29
CA SER B 220 21.61 -0.58 -18.57
C SER B 220 20.15 -0.12 -18.66
N GLY B 221 19.27 -0.64 -17.81
CA GLY B 221 17.87 -0.24 -17.87
C GLY B 221 17.53 1.07 -17.19
N TYR B 222 18.38 1.55 -16.29
CA TYR B 222 18.08 2.77 -15.56
C TYR B 222 18.03 3.95 -16.53
N LYS B 223 17.04 4.83 -16.33
CA LYS B 223 16.78 5.97 -17.21
C LYS B 223 16.96 7.27 -16.42
N MET B 224 18.12 7.88 -16.54
CA MET B 224 18.34 9.15 -15.87
C MET B 224 17.49 10.22 -16.54
N PRO B 225 16.85 11.10 -15.77
CA PRO B 225 16.15 12.24 -16.40
C PRO B 225 17.14 13.19 -17.01
N THR B 226 16.65 13.97 -17.95
CA THR B 226 17.44 14.98 -18.65
C THR B 226 17.24 16.34 -18.00
N ASP B 227 18.29 17.16 -18.00
CA ASP B 227 18.28 18.45 -17.31
C ASP B 227 19.06 19.46 -18.11
N LYS B 228 18.40 20.56 -18.51
CA LYS B 228 19.08 21.59 -19.28
C LYS B 228 20.26 22.18 -18.54
N ALA B 229 20.21 22.20 -17.20
CA ALA B 229 21.27 22.76 -16.38
C ALA B 229 22.43 21.79 -16.13
N ASP B 230 22.27 20.50 -16.44
CA ASP B 230 23.28 19.49 -16.09
C ASP B 230 23.69 19.59 -14.63
N LYS B 231 22.71 19.75 -13.76
CA LYS B 231 22.94 19.86 -12.32
C LYS B 231 22.16 18.76 -11.59
N LEU B 232 22.42 17.51 -11.96
CA LEU B 232 21.79 16.34 -11.37
C LEU B 232 22.86 15.46 -10.76
N ALA B 233 22.51 14.87 -9.61
CA ALA B 233 23.27 13.80 -8.98
C ALA B 233 22.38 12.57 -8.87
N ILE B 234 23.02 11.41 -8.69
CA ILE B 234 22.30 10.14 -8.52
C ILE B 234 22.38 9.68 -7.06
N SER B 235 21.27 9.16 -6.56
CA SER B 235 21.17 8.66 -5.20
C SER B 235 21.19 7.14 -5.15
N ILE B 236 22.20 6.60 -4.48
CA ILE B 236 22.35 5.17 -4.18
C ILE B 236 22.58 5.07 -2.68
N HIS B 237 22.00 4.05 -2.04
CA HIS B 237 22.21 3.82 -0.63
C HIS B 237 23.09 2.61 -0.43
N TYR B 238 24.04 2.72 0.49
CA TYR B 238 25.13 1.77 0.61
C TYR B 238 24.95 0.88 1.83
N TYR B 239 24.01 -0.06 1.71
CA TYR B 239 23.81 -1.05 2.78
C TYR B 239 24.29 -2.39 2.27
N LEU B 240 25.59 -2.48 1.96
CA LEU B 240 26.17 -3.61 1.27
C LEU B 240 27.43 -4.02 2.04
N PRO B 241 27.55 -5.28 2.44
CA PRO B 241 26.53 -6.32 2.27
C PRO B 241 25.35 -6.14 3.23
N PRO B 242 24.15 -6.53 2.79
CA PRO B 242 22.98 -6.36 3.65
C PRO B 242 23.05 -7.18 4.92
N GLN B 243 23.60 -8.39 4.85
CA GLN B 243 23.60 -9.26 6.03
C GLN B 243 24.44 -8.70 7.17
N PHE B 244 25.37 -7.79 6.88
CA PHE B 244 26.14 -7.10 7.90
C PHE B 244 25.54 -5.76 8.29
N THR B 245 25.09 -4.97 7.30
CA THR B 245 24.69 -3.60 7.59
C THR B 245 23.28 -3.51 8.16
N VAL B 246 22.31 -4.24 7.60
CA VAL B 246 20.90 -4.01 7.92
C VAL B 246 20.18 -5.23 8.47
N GLU B 247 20.80 -6.40 8.48
CA GLU B 247 20.11 -7.59 8.97
C GLU B 247 20.30 -7.76 10.47
N SER B 248 19.18 -7.81 11.19
CA SER B 248 19.20 -8.02 12.63
C SER B 248 19.78 -9.38 13.00
N ASP B 249 20.57 -9.38 14.07
CA ASP B 249 21.07 -10.62 14.66
C ASP B 249 20.03 -11.25 15.59
N LYS B 250 19.32 -10.43 16.35
N LYS B 250 19.32 -10.43 16.36
CA LYS B 250 18.31 -10.98 17.27
CA LYS B 250 18.31 -10.95 17.27
C LYS B 250 17.11 -11.53 16.50
C LYS B 250 17.11 -11.51 16.52
N ASN B 251 16.77 -10.89 15.39
CA ASN B 251 15.62 -11.30 14.57
C ASN B 251 16.11 -11.50 13.14
N PRO B 252 16.83 -12.60 12.89
CA PRO B 252 17.38 -12.81 11.55
C PRO B 252 16.26 -12.92 10.51
N TRP B 253 16.61 -12.55 9.28
CA TRP B 253 15.69 -12.70 8.16
C TRP B 253 15.45 -14.19 7.90
N THR B 254 14.21 -14.53 7.55
CA THR B 254 13.86 -15.91 7.29
C THR B 254 13.03 -15.97 6.02
N TRP B 255 12.94 -17.18 5.48
CA TRP B 255 11.93 -17.53 4.49
C TRP B 255 11.38 -18.90 4.83
N THR B 256 10.14 -19.14 4.41
CA THR B 256 9.43 -20.38 4.68
C THR B 256 9.00 -21.00 3.35
N ASP B 257 9.17 -22.30 3.21
CA ASP B 257 8.78 -22.99 1.98
C ASP B 257 7.33 -23.44 2.06
N ASP B 258 6.84 -24.12 1.01
CA ASP B 258 5.45 -24.53 0.95
C ASP B 258 5.10 -25.60 1.98
N GLN B 259 6.12 -26.27 2.54
CA GLN B 259 5.88 -27.31 3.54
C GLN B 259 6.12 -26.82 4.96
N GLY B 260 6.37 -25.52 5.15
CA GLY B 260 6.50 -24.98 6.47
C GLY B 260 7.88 -24.98 7.07
N VAL B 261 8.90 -25.40 6.32
CA VAL B 261 10.26 -25.38 6.84
C VAL B 261 10.80 -23.96 6.78
N VAL B 262 11.27 -23.45 7.90
CA VAL B 262 11.77 -22.08 8.02
C VAL B 262 13.28 -22.08 7.87
N HIS B 263 13.77 -21.26 6.95
CA HIS B 263 15.19 -21.13 6.67
C HIS B 263 15.67 -19.75 7.10
N GLU B 264 16.81 -19.71 7.77
CA GLU B 264 17.39 -18.46 8.24
C GLU B 264 18.44 -17.97 7.24
N ILE B 265 18.34 -16.70 6.87
CA ILE B 265 19.38 -16.02 6.09
C ILE B 265 20.43 -15.55 7.09
N THR B 266 21.63 -16.11 7.01
CA THR B 266 22.62 -15.90 8.06
C THR B 266 23.08 -14.46 8.13
N PRO B 267 22.88 -13.78 9.26
CA PRO B 267 23.46 -12.45 9.42
C PRO B 267 24.96 -12.53 9.64
N MET B 268 25.63 -11.43 9.29
CA MET B 268 27.07 -11.30 9.44
C MET B 268 27.34 -10.31 10.56
N GLN B 269 28.30 -10.64 11.42
CA GLN B 269 28.69 -9.71 12.48
C GLN B 269 30.03 -9.05 12.26
N THR B 270 30.82 -9.52 11.28
CA THR B 270 32.14 -8.96 11.02
C THR B 270 32.23 -8.56 9.56
N TRP B 271 33.14 -7.64 9.29
CA TRP B 271 33.42 -7.17 7.94
C TRP B 271 34.89 -6.77 7.88
N GLY B 272 35.55 -7.08 6.76
CA GLY B 272 36.87 -6.57 6.53
C GLY B 272 37.86 -7.52 5.90
N THR B 273 37.38 -8.62 5.31
CA THR B 273 38.27 -9.56 4.66
C THR B 273 38.77 -8.97 3.33
N GLU B 274 39.82 -9.60 2.78
CA GLU B 274 40.32 -9.17 1.48
C GLU B 274 39.20 -9.09 0.45
N SER B 275 38.35 -10.12 0.40
N SER B 275 38.35 -10.13 0.41
CA SER B 275 37.25 -10.11 -0.55
CA SER B 275 37.24 -10.14 -0.53
C SER B 275 36.23 -9.03 -0.24
C SER B 275 36.25 -9.02 -0.23
N ASP B 276 36.02 -8.73 1.05
CA ASP B 276 35.12 -7.64 1.41
C ASP B 276 35.59 -6.32 0.82
N TYR B 277 36.91 -6.06 0.90
CA TYR B 277 37.43 -4.82 0.33
C TYR B 277 37.36 -4.84 -1.18
N LYS B 278 37.68 -5.98 -1.81
CA LYS B 278 37.56 -6.10 -3.26
C LYS B 278 36.14 -5.79 -3.71
N GLU B 279 35.14 -6.31 -2.99
CA GLU B 279 33.74 -6.07 -3.34
C GLU B 279 33.42 -4.58 -3.24
N MET B 280 33.89 -3.91 -2.19
CA MET B 280 33.63 -2.48 -2.05
C MET B 280 34.28 -1.68 -3.16
N VAL B 281 35.52 -2.01 -3.52
CA VAL B 281 36.19 -1.33 -4.63
C VAL B 281 35.41 -1.53 -5.93
N THR B 282 35.01 -2.77 -6.20
CA THR B 282 34.24 -3.05 -7.40
C THR B 282 32.97 -2.21 -7.44
N ASN B 283 32.32 -2.04 -6.29
CA ASN B 283 31.10 -1.25 -6.25
C ASN B 283 31.38 0.22 -6.60
N TYR B 284 32.44 0.78 -6.05
CA TYR B 284 32.79 2.15 -6.40
C TYR B 284 33.17 2.28 -7.87
N GLU B 285 33.89 1.31 -8.40
CA GLU B 285 34.24 1.33 -9.82
C GLU B 285 33.00 1.29 -10.70
N THR B 286 32.02 0.46 -10.35
CA THR B 286 30.79 0.41 -11.11
C THR B 286 30.08 1.77 -11.09
N MET B 287 30.01 2.39 -9.93
CA MET B 287 29.35 3.69 -9.83
C MET B 287 30.14 4.76 -10.57
N LYS B 288 31.46 4.70 -10.51
CA LYS B 288 32.30 5.67 -11.20
C LYS B 288 32.13 5.59 -12.72
N VAL B 289 32.22 4.37 -13.29
CA VAL B 289 32.12 4.26 -14.74
C VAL B 289 30.72 4.62 -15.21
N THR B 290 29.69 4.29 -14.42
CA THR B 290 28.33 4.49 -14.89
C THR B 290 27.89 5.94 -14.76
N PHE B 291 28.30 6.61 -13.68
CA PHE B 291 27.79 7.95 -13.37
C PHE B 291 28.88 9.00 -13.31
N ALA B 292 29.83 8.90 -12.38
CA ALA B 292 30.77 10.01 -12.18
C ALA B 292 31.58 10.31 -13.43
N ASP B 293 32.05 9.27 -14.15
CA ASP B 293 32.81 9.48 -15.37
C ASP B 293 31.98 10.14 -16.48
N LYS B 294 30.65 10.11 -16.37
CA LYS B 294 29.75 10.77 -17.30
C LYS B 294 29.30 12.14 -16.78
N GLY B 295 29.91 12.62 -15.72
CA GLY B 295 29.58 13.92 -15.17
C GLY B 295 28.50 13.94 -14.12
N ILE B 296 27.96 12.80 -13.74
CA ILE B 296 26.87 12.72 -12.76
C ILE B 296 27.47 12.25 -11.42
N PRO B 297 27.56 13.13 -10.42
CA PRO B 297 28.12 12.68 -9.14
C PRO B 297 27.16 11.76 -8.42
N VAL B 298 27.71 11.00 -7.48
CA VAL B 298 26.97 9.99 -6.74
C VAL B 298 26.91 10.43 -5.29
N ILE B 299 25.69 10.63 -4.77
CA ILE B 299 25.47 10.89 -3.36
C ILE B 299 25.01 9.58 -2.73
N LEU B 300 25.87 8.98 -1.92
CA LEU B 300 25.51 7.77 -1.17
C LEU B 300 24.79 8.26 0.07
N GLY B 301 23.49 8.55 -0.13
CA GLY B 301 22.70 9.33 0.80
C GLY B 301 22.37 8.65 2.10
N GLU B 302 22.60 7.33 2.19
CA GLU B 302 22.57 6.60 3.43
C GLU B 302 23.66 5.54 3.39
N VAL B 303 24.39 5.42 4.49
CA VAL B 303 25.27 4.30 4.80
C VAL B 303 25.22 4.13 6.31
N GLY B 304 25.24 2.89 6.76
CA GLY B 304 25.22 2.62 8.19
C GLY B 304 25.28 1.14 8.48
N VAL B 305 25.37 0.83 9.76
CA VAL B 305 25.35 -0.53 10.29
C VAL B 305 24.52 -0.52 11.57
N LEU B 306 23.75 -1.57 11.80
CA LEU B 306 22.98 -1.68 13.03
C LEU B 306 23.92 -1.64 14.25
N THR B 307 23.55 -0.85 15.26
CA THR B 307 24.42 -0.62 16.40
C THR B 307 23.90 -1.23 17.69
N GLU B 308 22.66 -1.72 17.70
CA GLU B 308 22.00 -2.25 18.89
C GLU B 308 21.86 -3.76 18.81
N GLU B 309 22.66 -4.39 17.95
CA GLU B 309 22.64 -5.83 17.75
C GLU B 309 23.97 -6.43 18.20
N GLN B 310 24.47 -7.42 17.47
CA GLN B 310 25.71 -8.09 17.82
C GLN B 310 26.81 -7.85 16.80
N LYS B 311 26.72 -6.76 16.04
CA LYS B 311 27.74 -6.46 15.07
C LYS B 311 29.03 -6.10 15.79
N ASP B 312 30.15 -6.68 15.36
CA ASP B 312 31.43 -6.40 15.99
C ASP B 312 31.74 -4.91 15.89
N LYS B 313 32.03 -4.29 17.03
CA LYS B 313 32.25 -2.84 17.04
C LYS B 313 33.48 -2.44 16.22
N ASP B 314 34.51 -3.28 16.18
CA ASP B 314 35.67 -2.96 15.34
C ASP B 314 35.30 -3.02 13.87
N SER B 315 34.43 -3.97 13.50
CA SER B 315 34.00 -4.08 12.11
C SER B 315 33.13 -2.91 11.69
N ILE B 316 32.24 -2.45 12.58
CA ILE B 316 31.44 -1.25 12.26
C ILE B 316 32.38 -0.08 11.95
N ARG B 317 33.37 0.13 12.83
CA ARG B 317 34.32 1.22 12.67
C ARG B 317 35.09 1.08 11.36
N GLU B 318 35.58 -0.12 11.07
CA GLU B 318 36.39 -0.33 9.87
C GLU B 318 35.55 -0.19 8.61
N PHE B 319 34.32 -0.69 8.62
CA PHE B 319 33.44 -0.54 7.47
C PHE B 319 33.19 0.93 7.16
N LEU B 320 32.84 1.72 8.17
CA LEU B 320 32.57 3.12 7.91
C LEU B 320 33.84 3.86 7.51
N TYR B 321 34.97 3.52 8.11
CA TYR B 321 36.23 4.17 7.72
C TYR B 321 36.56 3.86 6.27
N ALA B 322 36.43 2.59 5.88
CA ALA B 322 36.74 2.21 4.50
C ALA B 322 35.80 2.90 3.52
N GLN B 323 34.50 2.85 3.80
CA GLN B 323 33.51 3.40 2.89
C GLN B 323 33.69 4.91 2.74
N TYR B 324 33.83 5.63 3.85
CA TYR B 324 34.03 7.07 3.75
C TYR B 324 35.36 7.39 3.10
N SER B 325 36.38 6.55 3.29
CA SER B 325 37.68 6.76 2.66
C SER B 325 37.57 6.61 1.15
N PHE B 326 36.79 5.63 0.68
CA PHE B 326 36.55 5.54 -0.76
C PHE B 326 35.77 6.74 -1.27
N SER B 327 34.73 7.16 -0.57
CA SER B 327 34.00 8.35 -0.99
C SER B 327 34.89 9.58 -1.03
N ALA B 328 35.94 9.63 -0.21
CA ALA B 328 36.89 10.75 -0.26
C ALA B 328 37.87 10.60 -1.41
N ALA B 329 38.21 9.36 -1.78
CA ALA B 329 39.19 9.11 -2.84
C ALA B 329 38.60 9.24 -4.23
N TYR B 330 37.30 8.99 -4.39
CA TYR B 330 36.66 8.99 -5.69
C TYR B 330 36.05 10.37 -5.95
N ASP B 331 36.46 10.98 -7.06
CA ASP B 331 35.93 12.25 -7.47
C ASP B 331 34.43 12.17 -7.66
N GLY B 332 33.71 13.17 -7.16
CA GLY B 332 32.29 13.25 -7.41
C GLY B 332 31.45 12.33 -6.58
N PHE B 333 32.00 11.78 -5.49
CA PHE B 333 31.25 10.96 -4.55
C PHE B 333 31.14 11.63 -3.19
N MET B 334 30.11 11.25 -2.42
CA MET B 334 30.05 11.56 -1.00
C MET B 334 29.26 10.48 -0.28
N SER B 335 29.48 10.38 1.02
CA SER B 335 28.71 9.51 1.89
C SER B 335 27.95 10.33 2.93
N VAL B 336 26.76 9.83 3.28
CA VAL B 336 25.86 10.48 4.24
C VAL B 336 25.42 9.41 5.24
N LEU B 337 25.78 9.61 6.49
CA LEU B 337 25.60 8.58 7.52
C LEU B 337 24.14 8.52 7.95
N TRP B 338 23.56 7.31 7.98
CA TRP B 338 22.24 7.14 8.58
C TRP B 338 22.42 6.99 10.09
N ASP B 339 21.77 7.87 10.85
CA ASP B 339 21.94 7.97 12.30
C ASP B 339 20.61 8.31 12.91
N THR B 340 20.18 7.53 13.90
CA THR B 340 18.92 7.77 14.59
C THR B 340 19.10 8.31 16.01
N SER B 341 20.32 8.69 16.40
CA SER B 341 20.69 9.42 17.61
C SER B 341 20.76 8.58 18.88
N LYS B 342 19.68 7.88 19.24
CA LYS B 342 19.67 7.10 20.47
C LYS B 342 18.81 5.85 20.28
N ASN B 343 19.09 4.83 21.09
CA ASN B 343 18.53 3.50 20.87
C ASN B 343 17.07 3.37 21.30
N THR B 344 16.50 4.37 21.97
CA THR B 344 15.06 4.42 22.17
C THR B 344 14.35 5.09 21.02
N ALA B 345 15.09 5.57 20.00
CA ALA B 345 14.50 6.21 18.84
C ALA B 345 14.80 5.49 17.53
N GLY B 346 15.79 4.61 17.48
CA GLY B 346 16.16 3.97 16.23
C GLY B 346 17.27 2.97 16.43
N ASP B 347 17.68 2.37 15.32
CA ASP B 347 18.53 1.20 15.31
C ASP B 347 19.94 1.42 14.77
N MET B 348 20.32 2.64 14.41
CA MET B 348 21.68 2.95 13.92
C MET B 348 22.10 4.26 14.60
N ASN B 349 22.78 4.14 15.71
CA ASN B 349 23.06 5.28 16.58
C ASN B 349 24.55 5.56 16.64
N PHE B 350 24.93 6.74 16.17
CA PHE B 350 26.34 7.13 16.11
C PHE B 350 26.64 8.39 16.90
N TYR B 351 25.90 9.47 16.65
CA TYR B 351 26.05 10.75 17.32
C TYR B 351 24.77 11.02 18.08
N ASN B 352 24.87 11.13 19.40
CA ASN B 352 23.70 11.51 20.22
C ASN B 352 23.59 13.03 20.15
N ARG B 353 22.61 13.51 19.35
CA ARG B 353 22.51 14.94 19.09
C ARG B 353 22.05 15.74 20.30
N GLU B 354 21.41 15.07 21.26
CA GLU B 354 21.00 15.75 22.48
C GLU B 354 22.18 15.98 23.42
N THR B 355 23.08 14.99 23.53
CA THR B 355 24.19 15.08 24.47
C THR B 355 25.51 15.52 23.82
N ASP B 356 25.54 15.64 22.49
CA ASP B 356 26.78 16.01 21.79
C ASP B 356 27.90 15.03 22.12
N LYS B 357 27.56 13.74 22.09
CA LYS B 357 28.54 12.69 22.37
C LYS B 357 28.37 11.56 21.36
N TRP B 358 29.51 11.05 20.87
CA TRP B 358 29.53 9.89 20.00
C TRP B 358 29.64 8.63 20.84
N TYR B 359 28.91 7.59 20.43
CA TYR B 359 28.98 6.32 21.14
C TYR B 359 30.35 5.66 20.98
N ASP B 360 31.00 5.87 19.84
CA ASP B 360 32.33 5.30 19.57
C ASP B 360 33.24 6.47 19.21
N GLU B 361 34.16 6.81 20.13
CA GLU B 361 35.04 7.94 19.87
C GLU B 361 35.97 7.70 18.69
N LYS B 362 36.23 6.45 18.33
CA LYS B 362 37.08 6.20 17.17
C LYS B 362 36.31 6.40 15.87
N ILE B 363 35.01 6.10 15.83
CA ILE B 363 34.21 6.47 14.66
C ILE B 363 34.25 7.98 14.47
N ARG B 364 34.02 8.72 15.56
CA ARG B 364 34.15 10.17 15.56
C ARG B 364 35.49 10.62 15.03
N ASP B 365 36.58 10.13 15.64
CA ASP B 365 37.91 10.59 15.26
C ASP B 365 38.18 10.30 13.78
N ASN B 366 37.70 9.16 13.29
CA ASN B 366 37.93 8.84 11.88
C ASN B 366 37.23 9.83 10.95
N PHE B 367 36.02 10.28 11.31
CA PHE B 367 35.36 11.30 10.50
C PHE B 367 36.14 12.61 10.54
N VAL B 368 36.61 13.00 11.72
CA VAL B 368 37.41 14.22 11.84
C VAL B 368 38.62 14.14 10.92
N ASN B 369 39.33 13.00 10.95
CA ASN B 369 40.54 12.85 10.16
C ASN B 369 40.27 12.78 8.67
N ILE B 370 39.22 12.07 8.25
CA ILE B 370 38.88 12.00 6.84
C ILE B 370 38.53 13.38 6.31
N ALA B 371 37.75 14.14 7.09
CA ALA B 371 37.38 15.49 6.69
C ALA B 371 38.59 16.41 6.57
N ALA B 372 39.63 16.20 7.39
CA ALA B 372 40.83 17.01 7.36
C ALA B 372 41.86 16.54 6.33
N GLY B 373 41.66 15.35 5.76
CA GLY B 373 42.66 14.77 4.89
C GLY B 373 43.77 14.02 5.60
N VAL B 374 43.57 13.66 6.87
CA VAL B 374 44.57 12.94 7.66
C VAL B 374 44.17 11.48 7.86
#